data_2P8W
#
_entry.id   2P8W
#
_cell.length_a   1.0
_cell.length_b   1.0
_cell.length_c   1.0
_cell.angle_alpha   90.0
_cell.angle_beta   90.0
_cell.angle_gamma   90.0
#
_symmetry.space_group_name_H-M   'P 1'
#
loop_
_entity.id
_entity.type
_entity.pdbx_description
1 polymer 'Elongation factor 2'
2 polymer 'Elongation factor Tu-B'
3 non-polymer 'PHOSPHOAMINOPHOSPHONIC ACID-GUANYLATE ESTER'
#
loop_
_entity_poly.entity_id
_entity_poly.type
_entity_poly.pdbx_seq_one_letter_code
_entity_poly.pdbx_strand_id
1 'polypeptide(L)'
;MVAFTVDQMRSLMDKVTNVRNMSVIAHVDHGKSTLTDSLVQRAGIISAAKAGEARFTDTRKDEQERGITIKSTAISLYSE
MSDEDVKEIKQKTDGNSFLINLIDSPGHVDFSSEVTAALRVTDGALVVVDTIEGVCVQTETVLRQALGERIKPVVVINKV
DRALLELQVSKEDLYQTFARTVESVNVIVSTYADEVLGDVQVYPARGTVAFGSGLHGWAFTIRQFATRYAKKFGVDKAKM
MDRLWGDSFFNPKTKKWTNKDTDAEGKPLERAFNMFILDPIFRLFTAIMNFKKDEIPVLLEKLEIVLKGDEKDLEGKALL
KVVMRKFLPAADALLEMIVLHLPSPVTAQAYRAEQLYEGPADDANCIAIKNCDPKADLMLYVSKMVPTSDKGRFYAFGRV
FAGTVKSGQKVRIQGPNYVPGKKDDLFIKAIQRVVLMMGRFVEPIDDCPAGNIIGLVGIDQFLLKTGTLTTSETAHNMKV
MKFSVSPVVQVAVEVKNANDLPKLVEGLKRLSKSDPCVLTYMSESGEHIVAGTGELHLEICLQDLEHDHAGVPLKISPPV
VAYRETVESESSQTALSKSPNKHNRIYLKAEPIDEEVSLAIENGIINPRDDFKARARIMADDYGWDVTDARKIWCFGPDG
NGPNLVIDQTKAVQYLHEIKDSVVAAFQWATKEGPIFGEEMRSVRVNILDVTLHADAIHRGGGQIIPTMRRATYAGFLLA
DPKIQEPVFLVEIQCPEQAVGGIYSVLNKKRGQVVSEEQRPGTPLFTVKAYLPVNESFGFTGELRQATGGQAFPQMVFDH
WSTLGSDPLDPTSKAGEIVLAARKRHGMKEEVPGWQEYYDKL
;
T
2 'polypeptide(L)' TAAENPNVEVKDYGDIDKAPEERARGITINTAHVE S
#
# COMPACT_ATOMS: atom_id res chain seq x y z
N ALA A 3 -0.11 -6.64 35.54
CA ALA A 3 0.52 -8.01 35.42
C ALA A 3 -0.43 -9.16 35.73
N PHE A 4 -0.81 -9.93 34.71
CA PHE A 4 -1.72 -11.04 34.90
C PHE A 4 -1.12 -12.39 34.56
N THR A 5 -1.77 -13.44 35.07
CA THR A 5 -1.34 -14.81 34.82
C THR A 5 -2.09 -15.29 33.58
N VAL A 6 -1.61 -16.37 32.98
CA VAL A 6 -2.25 -16.93 31.81
C VAL A 6 -3.71 -17.25 32.10
N ASP A 7 -3.99 -17.68 33.33
CA ASP A 7 -5.35 -18.01 33.74
C ASP A 7 -6.22 -16.76 33.77
N GLN A 8 -5.66 -15.68 34.31
CA GLN A 8 -6.39 -14.41 34.40
C GLN A 8 -6.69 -13.90 32.99
N MET A 9 -5.70 -14.00 32.11
CA MET A 9 -5.88 -13.57 30.73
C MET A 9 -6.99 -14.38 30.08
N ARG A 10 -6.88 -15.70 30.15
CA ARG A 10 -7.87 -16.60 29.56
C ARG A 10 -9.27 -16.34 30.11
N SER A 11 -9.36 -15.97 31.38
CA SER A 11 -10.65 -15.68 32.01
C SER A 11 -11.19 -14.37 31.43
N LEU A 12 -10.30 -13.41 31.21
CA LEU A 12 -10.65 -12.12 30.67
C LEU A 12 -11.17 -12.29 29.24
N MET A 13 -10.55 -13.22 28.50
CA MET A 13 -10.92 -13.51 27.11
C MET A 13 -12.24 -14.24 26.93
N ASP A 14 -12.82 -14.73 28.03
CA ASP A 14 -14.11 -15.42 27.96
C ASP A 14 -15.25 -14.42 27.81
N LYS A 15 -15.10 -13.27 28.45
CA LYS A 15 -16.13 -12.24 28.41
C LYS A 15 -15.92 -11.29 27.25
N VAL A 16 -16.08 -11.82 26.05
CA VAL A 16 -15.89 -11.02 24.83
C VAL A 16 -16.80 -9.81 24.76
N THR A 17 -17.78 -9.74 25.66
CA THR A 17 -18.67 -8.59 25.69
C THR A 17 -17.83 -7.43 26.25
N ASN A 18 -16.80 -7.78 27.01
CA ASN A 18 -15.94 -6.81 27.65
C ASN A 18 -14.56 -6.74 27.02
N VAL A 19 -14.52 -7.00 25.72
CA VAL A 19 -13.27 -6.95 24.98
C VAL A 19 -13.43 -5.81 23.97
N ARG A 20 -12.30 -5.20 23.61
CA ARG A 20 -12.31 -4.11 22.64
C ARG A 20 -11.11 -4.28 21.71
N ASN A 21 -11.39 -4.56 20.44
CA ASN A 21 -10.34 -4.72 19.46
C ASN A 21 -10.32 -3.40 18.71
N MET A 22 -9.19 -2.70 18.78
CA MET A 22 -9.06 -1.41 18.12
C MET A 22 -7.62 -1.04 17.77
N SER A 23 -7.46 0.10 17.13
CA SER A 23 -6.14 0.59 16.76
C SER A 23 -6.16 2.13 16.83
N VAL A 24 -4.99 2.73 16.60
CA VAL A 24 -4.88 4.19 16.62
C VAL A 24 -4.54 4.63 15.20
N ILE A 25 -5.34 5.57 14.69
CA ILE A 25 -5.18 6.10 13.35
C ILE A 25 -4.60 7.51 13.49
N ALA A 26 -3.46 7.75 12.85
CA ALA A 26 -2.83 9.06 12.95
C ALA A 26 -1.83 9.34 11.84
N HIS A 27 -1.80 10.61 11.42
CA HIS A 27 -0.88 11.09 10.40
C HIS A 27 0.48 11.17 11.11
N VAL A 28 1.57 10.95 10.37
CA VAL A 28 2.91 11.00 10.98
C VAL A 28 3.12 12.24 11.81
N ASP A 29 3.81 12.09 12.94
CA ASP A 29 4.10 13.19 13.84
C ASP A 29 2.93 13.75 14.65
N HIS A 30 1.74 13.21 14.47
CA HIS A 30 0.61 13.72 15.24
C HIS A 30 0.56 13.17 16.65
N GLY A 31 1.54 12.34 17.01
CA GLY A 31 1.59 11.81 18.37
C GLY A 31 1.02 10.44 18.64
N LYS A 32 0.87 9.63 17.61
CA LYS A 32 0.34 8.28 17.76
C LYS A 32 1.16 7.45 18.76
N SER A 33 2.48 7.55 18.65
CA SER A 33 3.37 6.81 19.55
C SER A 33 3.30 7.20 21.01
N THR A 34 3.43 8.49 21.30
CA THR A 34 3.41 8.93 22.69
C THR A 34 2.05 8.70 23.35
N LEU A 35 1.00 8.66 22.55
CA LEU A 35 -0.31 8.39 23.12
C LEU A 35 -0.42 6.93 23.53
N THR A 36 0.10 6.01 22.70
CA THR A 36 0.03 4.60 23.04
C THR A 36 0.97 4.31 24.20
N ASP A 37 2.09 5.04 24.30
CA ASP A 37 2.99 4.81 25.42
C ASP A 37 2.20 5.18 26.68
N SER A 38 1.44 6.26 26.60
CA SER A 38 0.61 6.69 27.72
C SER A 38 -0.39 5.59 28.10
N LEU A 39 -1.06 5.01 27.10
CA LEU A 39 -2.02 3.95 27.38
C LEU A 39 -1.31 2.74 28.00
N VAL A 40 -0.18 2.36 27.41
CA VAL A 40 0.58 1.22 27.92
C VAL A 40 1.07 1.44 29.36
N GLN A 41 1.58 2.63 29.66
CA GLN A 41 2.07 2.93 31.01
C GLN A 41 0.94 2.94 32.05
N ARG A 42 -0.25 3.33 31.62
CA ARG A 42 -1.40 3.40 32.51
C ARG A 42 -2.17 2.09 32.67
N ALA A 43 -2.31 1.34 31.59
CA ALA A 43 -3.08 0.11 31.66
C ALA A 43 -2.48 -1.12 30.98
N GLY A 44 -1.26 -0.98 30.48
CA GLY A 44 -0.61 -2.10 29.80
C GLY A 44 -0.63 -3.37 30.65
N ILE A 45 -0.71 -4.52 29.98
CA ILE A 45 -0.74 -5.80 30.66
C ILE A 45 0.54 -6.56 30.38
N ILE A 46 1.05 -7.25 31.40
CA ILE A 46 2.27 -8.02 31.27
C ILE A 46 2.09 -9.34 32.01
N SER A 47 2.72 -10.41 31.50
CA SER A 47 2.63 -11.73 32.12
C SER A 47 3.16 -11.69 33.56
N ALA A 48 2.50 -12.40 34.46
CA ALA A 48 2.92 -12.44 35.87
C ALA A 48 4.30 -13.10 36.02
N GLY A 67 12.71 -17.23 25.62
CA GLY A 67 13.68 -16.27 25.09
C GLY A 67 13.39 -15.94 23.65
N ILE A 68 12.16 -16.22 23.24
CA ILE A 68 11.75 -15.93 21.87
C ILE A 68 11.03 -14.60 21.87
N THR A 69 11.50 -13.68 21.03
CA THR A 69 10.90 -12.37 20.93
C THR A 69 10.33 -12.19 19.53
N ILE A 70 9.38 -11.27 19.42
CA ILE A 70 8.75 -11.02 18.14
C ILE A 70 8.66 -9.52 17.92
N LYS A 71 8.23 -9.12 16.73
CA LYS A 71 8.06 -7.70 16.52
C LYS A 71 6.71 -7.37 17.15
N SER A 72 6.69 -6.33 17.99
CA SER A 72 5.46 -5.93 18.65
C SER A 72 4.38 -5.70 17.59
N THR A 73 3.29 -6.47 17.69
CA THR A 73 2.19 -6.39 16.74
C THR A 73 0.89 -5.95 17.39
N ALA A 74 0.78 -6.18 18.69
CA ALA A 74 -0.40 -5.83 19.44
C ALA A 74 -0.10 -5.75 20.93
N ILE A 75 -0.81 -4.89 21.63
CA ILE A 75 -0.60 -4.73 23.06
C ILE A 75 -1.94 -4.89 23.77
N SER A 76 -1.91 -5.49 24.95
CA SER A 76 -3.12 -5.69 25.73
C SER A 76 -3.21 -4.63 26.84
N LEU A 77 -4.40 -4.09 27.02
CA LEU A 77 -4.67 -3.09 28.05
C LEU A 77 -5.76 -3.63 28.99
N TYR A 78 -5.75 -3.18 30.24
CA TYR A 78 -6.75 -3.62 31.20
C TYR A 78 -7.42 -2.40 31.82
N SER A 79 -8.74 -2.43 31.91
CA SER A 79 -9.46 -1.30 32.48
C SER A 79 -10.71 -1.69 33.26
N GLU A 80 -10.94 -0.95 34.35
CA GLU A 80 -12.11 -1.15 35.20
C GLU A 80 -12.90 0.14 35.23
N MET A 81 -14.21 0.06 35.09
CA MET A 81 -15.06 1.23 35.12
C MET A 81 -15.90 1.13 36.39
N SER A 82 -16.45 2.26 36.85
CA SER A 82 -17.28 2.27 38.04
C SER A 82 -18.63 1.68 37.67
N ASP A 83 -19.34 1.19 38.68
CA ASP A 83 -20.65 0.60 38.44
C ASP A 83 -21.58 1.55 37.67
N GLU A 84 -21.52 2.84 37.96
CA GLU A 84 -22.39 3.77 37.25
C GLU A 84 -21.97 3.88 35.79
N ASP A 85 -20.66 4.01 35.55
CA ASP A 85 -20.13 4.10 34.19
C ASP A 85 -20.63 2.94 33.34
N VAL A 86 -20.40 1.72 33.82
CA VAL A 86 -20.80 0.52 33.08
C VAL A 86 -22.28 0.51 32.71
N LYS A 87 -23.11 1.22 33.46
CA LYS A 87 -24.54 1.28 33.15
C LYS A 87 -24.77 2.10 31.90
N GLU A 88 -23.88 3.07 31.66
CA GLU A 88 -23.97 3.96 30.52
C GLU A 88 -23.58 3.31 29.19
N ILE A 89 -22.86 2.19 29.24
CA ILE A 89 -22.43 1.49 28.04
C ILE A 89 -23.64 0.95 27.29
N LYS A 90 -23.90 1.49 26.11
CA LYS A 90 -25.04 1.08 25.29
C LYS A 90 -24.82 -0.26 24.58
N GLN A 91 -24.24 -1.23 25.27
CA GLN A 91 -24.03 -2.54 24.67
C GLN A 91 -23.80 -3.60 25.74
N LYS A 92 -24.13 -4.84 25.40
CA LYS A 92 -23.99 -5.99 26.31
C LYS A 92 -22.72 -5.97 27.14
N THR A 93 -22.86 -5.88 28.46
CA THR A 93 -21.71 -5.85 29.36
C THR A 93 -21.76 -6.91 30.47
N ASP A 94 -20.61 -7.47 30.81
CA ASP A 94 -20.53 -8.50 31.85
C ASP A 94 -19.46 -8.16 32.91
N GLY A 95 -19.83 -7.34 33.89
CA GLY A 95 -18.88 -6.96 34.91
C GLY A 95 -18.23 -5.62 34.60
N ASN A 96 -17.26 -5.23 35.43
CA ASN A 96 -16.59 -3.95 35.28
C ASN A 96 -15.17 -4.01 34.72
N SER A 97 -14.71 -5.20 34.33
CA SER A 97 -13.37 -5.35 33.77
C SER A 97 -13.41 -5.37 32.24
N PHE A 98 -12.39 -4.77 31.63
CA PHE A 98 -12.34 -4.72 30.18
C PHE A 98 -10.94 -5.05 29.68
N LEU A 99 -10.88 -5.79 28.58
CA LEU A 99 -9.61 -6.17 27.97
C LEU A 99 -9.57 -5.45 26.65
N ILE A 100 -8.53 -4.64 26.47
CA ILE A 100 -8.39 -3.87 25.25
C ILE A 100 -7.17 -4.27 24.42
N ASN A 101 -7.42 -4.70 23.19
CA ASN A 101 -6.36 -5.07 22.29
C ASN A 101 -6.04 -3.87 21.40
N LEU A 102 -4.88 -3.26 21.61
CA LEU A 102 -4.43 -2.13 20.82
C LEU A 102 -3.60 -2.75 19.70
N ILE A 103 -4.18 -2.84 18.51
CA ILE A 103 -3.52 -3.48 17.40
C ILE A 103 -2.70 -2.52 16.56
N ASP A 104 -1.46 -2.91 16.31
CA ASP A 104 -0.53 -2.11 15.52
C ASP A 104 -0.97 -2.07 14.05
N SER A 105 -0.80 -0.91 13.43
CA SER A 105 -1.17 -0.73 12.04
C SER A 105 0.03 -0.11 11.33
N PRO A 106 0.29 -0.53 10.07
CA PRO A 106 1.41 0.01 9.31
C PRO A 106 1.38 1.54 9.21
N GLY A 107 2.50 2.12 8.80
CA GLY A 107 2.59 3.56 8.67
C GLY A 107 2.49 4.04 7.24
N HIS A 108 2.44 3.10 6.29
CA HIS A 108 2.33 3.46 4.89
C HIS A 108 0.86 3.70 4.61
N VAL A 109 0.53 4.91 4.16
CA VAL A 109 -0.85 5.22 3.89
C VAL A 109 -1.08 5.68 2.47
N ASP A 110 -1.10 4.65 1.62
CA ASP A 110 -1.28 4.75 0.18
C ASP A 110 -2.50 3.89 -0.19
N PHE A 111 -3.39 3.68 0.77
CA PHE A 111 -4.57 2.83 0.56
C PHE A 111 -4.06 1.43 0.29
N SER A 112 -2.96 1.08 0.97
CA SER A 112 -2.34 -0.24 0.82
C SER A 112 -3.18 -1.35 1.44
N SER A 113 -2.95 -2.57 0.97
CA SER A 113 -3.68 -3.73 1.47
C SER A 113 -3.11 -4.23 2.79
N GLU A 114 -1.93 -3.75 3.17
CA GLU A 114 -1.34 -4.19 4.43
C GLU A 114 -2.11 -3.50 5.55
N VAL A 115 -2.52 -2.26 5.28
CA VAL A 115 -3.28 -1.49 6.25
C VAL A 115 -4.68 -2.08 6.40
N THR A 116 -5.33 -2.34 5.27
CA THR A 116 -6.67 -2.93 5.28
C THR A 116 -6.70 -4.23 6.08
N ALA A 117 -5.64 -5.02 5.98
CA ALA A 117 -5.58 -6.28 6.71
C ALA A 117 -5.57 -6.04 8.22
N ALA A 118 -4.76 -5.07 8.65
CA ALA A 118 -4.65 -4.74 10.06
C ALA A 118 -5.97 -4.20 10.63
N LEU A 119 -6.64 -3.36 9.86
CA LEU A 119 -7.90 -2.78 10.31
C LEU A 119 -8.97 -3.85 10.39
N ARG A 120 -8.92 -4.80 9.46
CA ARG A 120 -9.90 -5.87 9.38
C ARG A 120 -10.08 -6.66 10.68
N VAL A 121 -9.02 -6.75 11.48
CA VAL A 121 -9.11 -7.48 12.73
C VAL A 121 -9.51 -6.58 13.93
N THR A 122 -9.83 -5.32 13.63
CA THR A 122 -10.24 -4.39 14.68
C THR A 122 -11.72 -4.04 14.46
N ASP A 123 -12.35 -3.49 15.49
CA ASP A 123 -13.76 -3.09 15.41
C ASP A 123 -13.95 -1.60 15.68
N GLY A 124 -12.99 -0.98 16.35
CA GLY A 124 -13.11 0.44 16.64
C GLY A 124 -11.77 1.10 16.43
N ALA A 125 -11.76 2.42 16.32
CA ALA A 125 -10.49 3.13 16.13
C ALA A 125 -10.42 4.46 16.87
N LEU A 126 -9.24 4.75 17.39
CA LEU A 126 -8.98 5.99 18.08
C LEU A 126 -8.24 6.86 17.08
N VAL A 127 -8.93 7.85 16.53
CA VAL A 127 -8.36 8.72 15.53
C VAL A 127 -7.70 9.95 16.14
N VAL A 128 -6.40 10.10 15.91
CA VAL A 128 -5.67 11.24 16.44
C VAL A 128 -5.61 12.38 15.43
N VAL A 129 -6.00 13.57 15.86
CA VAL A 129 -5.99 14.73 14.98
C VAL A 129 -5.22 15.82 15.69
N ASP A 130 -4.42 16.56 14.94
CA ASP A 130 -3.62 17.64 15.51
C ASP A 130 -4.43 18.91 15.71
N THR A 131 -4.24 19.54 16.87
CA THR A 131 -4.93 20.79 17.18
C THR A 131 -4.71 21.80 16.07
N ILE A 132 -3.46 22.02 15.70
CA ILE A 132 -3.13 22.99 14.66
C ILE A 132 -3.35 22.53 13.22
N GLU A 133 -2.63 21.49 12.79
CA GLU A 133 -2.76 21.01 11.43
C GLU A 133 -4.12 20.46 11.06
N GLY A 134 -4.89 20.03 12.07
CA GLY A 134 -6.21 19.49 11.79
C GLY A 134 -6.13 18.15 11.08
N VAL A 135 -7.17 17.82 10.32
CA VAL A 135 -7.20 16.55 9.59
C VAL A 135 -6.44 16.66 8.28
N CYS A 136 -5.41 15.83 8.12
CA CYS A 136 -4.61 15.83 6.91
C CYS A 136 -4.92 14.58 6.07
N VAL A 137 -4.56 14.63 4.79
CA VAL A 137 -4.83 13.53 3.87
C VAL A 137 -4.50 12.13 4.40
N GLN A 138 -3.38 11.99 5.09
CA GLN A 138 -2.97 10.71 5.65
C GLN A 138 -4.05 10.22 6.61
N THR A 139 -4.56 11.14 7.42
CA THR A 139 -5.60 10.86 8.40
C THR A 139 -6.88 10.42 7.70
N GLU A 140 -7.25 11.16 6.67
CA GLU A 140 -8.45 10.87 5.90
C GLU A 140 -8.33 9.52 5.21
N THR A 141 -7.14 9.19 4.76
CA THR A 141 -6.88 7.94 4.07
C THR A 141 -7.10 6.70 4.93
N VAL A 142 -6.57 6.70 6.15
CA VAL A 142 -6.73 5.53 7.00
C VAL A 142 -8.15 5.47 7.54
N LEU A 143 -8.68 6.63 7.88
CA LEU A 143 -10.05 6.69 8.39
C LEU A 143 -11.02 6.16 7.34
N ARG A 144 -10.80 6.57 6.09
CA ARG A 144 -11.64 6.14 4.98
C ARG A 144 -11.56 4.61 4.84
N GLN A 145 -10.34 4.08 4.92
CA GLN A 145 -10.16 2.63 4.83
C GLN A 145 -10.86 1.97 6.02
N ALA A 146 -10.72 2.58 7.19
CA ALA A 146 -11.33 2.04 8.39
C ALA A 146 -12.85 1.95 8.23
N LEU A 147 -13.46 3.06 7.81
CA LEU A 147 -14.91 3.10 7.60
C LEU A 147 -15.33 2.00 6.62
N GLY A 148 -14.46 1.71 5.66
CA GLY A 148 -14.75 0.67 4.70
C GLY A 148 -14.79 -0.70 5.34
N GLU A 149 -14.24 -0.82 6.54
CA GLU A 149 -14.23 -2.09 7.27
C GLU A 149 -15.28 -2.02 8.37
N ARG A 150 -16.18 -1.05 8.24
CA ARG A 150 -17.24 -0.82 9.23
C ARG A 150 -16.71 -0.69 10.65
N ILE A 151 -15.63 0.08 10.77
CA ILE A 151 -15.00 0.33 12.06
C ILE A 151 -15.60 1.61 12.62
N LYS A 152 -15.86 1.64 13.92
CA LYS A 152 -16.40 2.83 14.53
C LYS A 152 -15.26 3.72 15.03
N PRO A 153 -15.31 5.04 14.70
CA PRO A 153 -14.29 6.00 15.11
C PRO A 153 -14.62 6.82 16.36
N VAL A 154 -13.56 7.25 17.02
CA VAL A 154 -13.59 8.08 18.21
C VAL A 154 -12.35 8.95 18.01
N VAL A 155 -12.46 10.23 18.33
CA VAL A 155 -11.39 11.19 18.10
C VAL A 155 -10.69 11.75 19.32
N VAL A 156 -9.42 12.13 19.13
CA VAL A 156 -8.63 12.78 20.17
C VAL A 156 -7.93 13.93 19.46
N ILE A 157 -8.25 15.16 19.84
CA ILE A 157 -7.59 16.31 19.24
C ILE A 157 -6.36 16.48 20.14
N ASN A 158 -5.19 16.13 19.58
CA ASN A 158 -3.90 16.12 20.28
C ASN A 158 -3.06 17.40 20.16
N LYS A 159 -1.95 17.45 20.88
CA LYS A 159 -1.04 18.61 20.84
C LYS A 159 -1.70 19.91 21.26
N VAL A 160 -2.70 19.85 22.13
CA VAL A 160 -3.38 21.06 22.57
C VAL A 160 -2.43 22.04 23.26
N ASP A 161 -1.40 21.50 23.92
CA ASP A 161 -0.43 22.32 24.64
C ASP A 161 0.27 23.34 23.72
N ARG A 162 0.40 23.01 22.45
CA ARG A 162 1.03 23.91 21.48
C ARG A 162 0.23 25.21 21.34
N ALA A 163 -1.09 25.08 21.29
CA ALA A 163 -1.95 26.24 21.14
C ALA A 163 -1.93 27.16 22.34
N LEU A 164 -1.69 26.59 23.53
CA LEU A 164 -1.66 27.40 24.75
C LEU A 164 -0.28 28.00 25.01
N LEU A 165 0.78 27.21 24.81
CA LEU A 165 2.14 27.68 25.06
C LEU A 165 2.79 28.46 23.92
N GLU A 166 2.77 27.91 22.71
CA GLU A 166 3.37 28.57 21.56
C GLU A 166 2.51 29.68 20.96
N LEU A 167 1.35 29.32 20.43
CA LEU A 167 0.44 30.28 19.78
C LEU A 167 -0.36 31.25 20.64
N GLN A 168 -0.36 31.07 21.97
CA GLN A 168 -1.10 31.98 22.85
C GLN A 168 -2.58 32.14 22.46
N VAL A 169 -3.09 31.21 21.66
CA VAL A 169 -4.49 31.25 21.20
C VAL A 169 -5.49 31.58 22.31
N SER A 170 -6.62 32.17 21.94
CA SER A 170 -7.65 32.50 22.93
C SER A 170 -8.66 31.36 23.03
N LYS A 171 -9.41 31.35 24.12
CA LYS A 171 -10.41 30.32 24.36
C LYS A 171 -11.41 30.13 23.21
N GLU A 172 -12.02 31.20 22.74
CA GLU A 172 -12.98 31.09 21.65
C GLU A 172 -12.29 30.63 20.36
N ASP A 173 -11.01 30.97 20.19
CA ASP A 173 -10.30 30.56 18.97
C ASP A 173 -10.00 29.08 19.07
N LEU A 174 -9.59 28.65 20.25
CA LEU A 174 -9.29 27.25 20.47
C LEU A 174 -10.59 26.47 20.25
N TYR A 175 -11.68 26.98 20.82
CA TYR A 175 -12.97 26.32 20.64
C TYR A 175 -13.26 26.13 19.16
N GLN A 176 -13.29 27.24 18.43
CA GLN A 176 -13.55 27.23 17.00
C GLN A 176 -12.67 26.24 16.25
N THR A 177 -11.39 26.17 16.61
CA THR A 177 -10.48 25.24 15.97
C THR A 177 -10.96 23.82 16.23
N PHE A 178 -11.32 23.53 17.47
CA PHE A 178 -11.82 22.20 17.84
C PHE A 178 -13.08 21.85 17.03
N ALA A 179 -14.00 22.78 16.96
CA ALA A 179 -15.26 22.59 16.23
C ALA A 179 -15.04 22.34 14.74
N ARG A 180 -14.06 23.03 14.15
CA ARG A 180 -13.78 22.85 12.73
C ARG A 180 -13.13 21.50 12.47
N THR A 181 -12.29 21.06 13.39
CA THR A 181 -11.63 19.78 13.22
C THR A 181 -12.67 18.67 13.32
N VAL A 182 -13.62 18.84 14.24
CA VAL A 182 -14.68 17.87 14.43
C VAL A 182 -15.59 17.80 13.22
N GLU A 183 -15.77 18.94 12.55
CA GLU A 183 -16.61 19.00 11.36
C GLU A 183 -15.91 18.33 10.20
N SER A 184 -14.61 18.60 10.04
CA SER A 184 -13.84 18.01 8.95
C SER A 184 -13.92 16.51 9.05
N VAL A 185 -13.85 16.00 10.27
CA VAL A 185 -13.90 14.57 10.51
C VAL A 185 -15.28 13.95 10.19
N ASN A 186 -16.34 14.62 10.62
CA ASN A 186 -17.68 14.09 10.36
C ASN A 186 -18.11 14.21 8.89
N VAL A 187 -17.27 14.85 8.08
CA VAL A 187 -17.53 14.98 6.65
C VAL A 187 -17.04 13.68 6.03
N ILE A 188 -15.87 13.24 6.49
CA ILE A 188 -15.29 12.01 6.00
C ILE A 188 -16.17 10.85 6.45
N VAL A 189 -16.64 10.92 7.68
CA VAL A 189 -17.46 9.85 8.21
C VAL A 189 -18.80 9.80 7.48
N SER A 190 -19.52 10.92 7.43
CA SER A 190 -20.81 10.91 6.76
C SER A 190 -20.72 10.50 5.28
N THR A 191 -19.55 10.69 4.66
CA THR A 191 -19.35 10.32 3.26
C THR A 191 -19.12 8.83 3.01
N TYR A 192 -18.27 8.21 3.84
CA TYR A 192 -17.92 6.80 3.65
C TYR A 192 -18.54 5.74 4.55
N ALA A 193 -19.19 6.15 5.63
CA ALA A 193 -19.78 5.18 6.54
C ALA A 193 -21.06 4.55 5.98
N ASP A 194 -21.20 3.24 6.13
CA ASP A 194 -22.39 2.53 5.66
C ASP A 194 -23.63 2.99 6.40
N GLU A 195 -24.62 3.44 5.63
CA GLU A 195 -25.88 3.95 6.16
C GLU A 195 -26.57 2.97 7.11
N VAL A 196 -26.25 1.68 6.97
CA VAL A 196 -26.86 0.66 7.82
C VAL A 196 -26.39 0.76 9.27
N LEU A 197 -25.23 1.36 9.50
CA LEU A 197 -24.68 1.51 10.85
C LEU A 197 -25.34 2.65 11.61
N GLY A 198 -26.07 3.49 10.88
CA GLY A 198 -26.72 4.63 11.50
C GLY A 198 -25.81 5.84 11.49
N ASP A 199 -25.87 6.65 12.54
CA ASP A 199 -25.04 7.84 12.64
C ASP A 199 -23.74 7.48 13.37
N VAL A 200 -22.66 7.32 12.61
CA VAL A 200 -21.38 6.98 13.19
C VAL A 200 -20.50 8.22 13.38
N GLN A 201 -21.10 9.40 13.22
CA GLN A 201 -20.38 10.64 13.41
C GLN A 201 -19.93 10.79 14.85
N VAL A 202 -19.04 11.75 15.09
CA VAL A 202 -18.51 11.99 16.41
C VAL A 202 -19.04 13.31 17.01
N TYR A 203 -19.42 13.27 18.29
CA TYR A 203 -19.99 14.42 19.00
C TYR A 203 -19.34 14.66 20.37
N PRO A 204 -18.69 15.82 20.56
CA PRO A 204 -18.05 16.11 21.85
C PRO A 204 -19.02 15.94 23.03
N ALA A 205 -20.24 16.42 22.86
CA ALA A 205 -21.25 16.33 23.92
C ALA A 205 -21.60 14.89 24.30
N ARG A 206 -21.47 13.96 23.34
CA ARG A 206 -21.78 12.56 23.63
C ARG A 206 -20.56 11.80 24.15
N GLY A 207 -19.45 12.51 24.36
CA GLY A 207 -18.25 11.88 24.88
C GLY A 207 -17.38 11.11 23.89
N THR A 208 -17.56 11.33 22.60
CA THR A 208 -16.75 10.63 21.63
C THR A 208 -15.61 11.47 21.08
N VAL A 209 -15.26 12.54 21.80
CA VAL A 209 -14.15 13.38 21.41
C VAL A 209 -13.38 13.78 22.64
N ALA A 210 -12.08 13.52 22.61
CA ALA A 210 -11.20 13.88 23.71
C ALA A 210 -10.29 15.02 23.23
N PHE A 211 -9.77 15.80 24.17
CA PHE A 211 -8.89 16.93 23.86
C PHE A 211 -7.71 16.84 24.80
N GLY A 212 -6.50 17.06 24.32
CA GLY A 212 -5.38 17.00 25.25
C GLY A 212 -3.99 17.11 24.68
N SER A 213 -3.03 16.60 25.45
CA SER A 213 -1.62 16.62 25.07
C SER A 213 -0.98 15.28 25.45
N GLY A 214 -0.70 14.47 24.44
CA GLY A 214 -0.09 13.17 24.70
C GLY A 214 1.29 13.28 25.28
N LEU A 215 1.99 14.37 24.99
CA LEU A 215 3.35 14.57 25.49
C LEU A 215 3.36 14.96 26.96
N HIS A 216 2.44 15.84 27.36
CA HIS A 216 2.37 16.28 28.74
C HIS A 216 1.58 15.31 29.61
N GLY A 217 -0.13 13.07 31.52
CA GLY A 217 -0.88 12.12 32.31
C GLY A 217 -2.24 12.52 32.83
N TRP A 218 -2.92 13.44 32.14
CA TRP A 218 -4.25 13.85 32.58
C TRP A 218 -5.24 13.91 31.43
N ALA A 219 -6.50 13.60 31.74
CA ALA A 219 -7.57 13.62 30.74
C ALA A 219 -8.88 13.55 31.49
N PHE A 220 -9.98 13.88 30.81
CA PHE A 220 -11.30 13.84 31.44
C PHE A 220 -12.44 13.63 30.43
N THR A 221 -13.62 13.31 30.98
CA THR A 221 -14.83 13.13 30.21
C THR A 221 -15.80 14.11 30.89
N ILE A 222 -16.86 14.50 30.20
CA ILE A 222 -17.83 15.41 30.79
C ILE A 222 -18.44 14.66 31.98
N ARG A 223 -18.64 13.36 31.80
CA ARG A 223 -19.22 12.52 32.84
C ARG A 223 -18.50 12.65 34.19
N GLN A 224 -17.19 12.60 34.19
CA GLN A 224 -16.44 12.72 35.43
C GLN A 224 -16.72 14.06 36.10
N PHE A 225 -16.83 15.12 35.31
CA PHE A 225 -17.11 16.44 35.88
C PHE A 225 -18.54 16.54 36.37
N ALA A 226 -19.45 15.84 35.68
CA ALA A 226 -20.86 15.83 36.04
C ALA A 226 -21.01 15.16 37.40
N THR A 227 -20.26 14.08 37.58
CA THR A 227 -20.29 13.35 38.83
C THR A 227 -19.79 14.29 39.92
N ARG A 228 -18.71 15.00 39.61
CA ARG A 228 -18.09 15.96 40.53
C ARG A 228 -19.00 17.14 40.93
N TYR A 229 -19.77 17.67 39.98
CA TYR A 229 -20.64 18.81 40.26
C TYR A 229 -22.10 18.48 40.51
N ALA A 230 -22.51 17.24 40.24
CA ALA A 230 -23.91 16.87 40.43
C ALA A 230 -24.31 17.03 41.90
N LYS A 231 -23.68 16.25 42.77
CA LYS A 231 -23.98 16.30 44.19
C LYS A 231 -23.64 17.65 44.80
N LYS A 232 -23.22 18.60 43.97
CA LYS A 232 -22.86 19.96 44.43
C LYS A 232 -23.83 21.02 43.94
N PHE A 233 -24.42 20.78 42.77
CA PHE A 233 -25.38 21.70 42.19
C PHE A 233 -26.80 21.27 42.55
N GLY A 234 -26.91 20.18 43.30
CA GLY A 234 -28.21 19.67 43.68
C GLY A 234 -28.96 19.15 42.48
N VAL A 235 -28.24 18.60 41.51
CA VAL A 235 -28.86 18.05 40.30
C VAL A 235 -28.24 16.69 39.94
N ASP A 236 -29.02 15.79 39.35
CA ASP A 236 -28.48 14.47 38.98
C ASP A 236 -27.51 14.65 37.82
N LYS A 237 -26.46 13.82 37.75
CA LYS A 237 -25.49 13.98 36.68
C LYS A 237 -26.00 13.83 35.27
N ALA A 238 -27.10 13.13 35.08
CA ALA A 238 -27.64 12.98 33.74
C ALA A 238 -27.94 14.39 33.24
N LYS A 239 -28.49 15.20 34.13
CA LYS A 239 -28.84 16.57 33.80
C LYS A 239 -27.59 17.41 33.68
N MET A 240 -26.64 17.17 34.58
CA MET A 240 -25.38 17.90 34.60
C MET A 240 -24.48 17.71 33.39
N MET A 241 -24.33 16.48 32.91
CA MET A 241 -23.47 16.30 31.76
C MET A 241 -24.08 16.85 30.47
N ASP A 242 -25.38 17.02 30.43
CA ASP A 242 -25.98 17.60 29.23
C ASP A 242 -25.69 19.10 29.29
N ARG A 243 -25.67 19.65 30.51
CA ARG A 243 -25.42 21.07 30.71
C ARG A 243 -23.94 21.46 30.65
N LEU A 244 -23.05 20.48 30.75
CA LEU A 244 -21.62 20.77 30.74
C LEU A 244 -20.99 20.74 29.36
N TRP A 245 -21.81 20.65 28.32
CA TRP A 245 -21.30 20.65 26.97
C TRP A 245 -22.26 21.38 26.03
N GLY A 246 -21.74 21.95 24.95
CA GLY A 246 -22.58 22.64 23.99
C GLY A 246 -23.16 23.96 24.47
N ASP A 247 -24.34 24.32 23.95
CA ASP A 247 -24.99 25.59 24.30
C ASP A 247 -25.83 25.61 25.58
N SER A 248 -25.14 25.48 26.71
CA SER A 248 -25.78 25.53 28.01
C SER A 248 -25.03 26.61 28.74
N PHE A 249 -25.78 27.55 29.29
CA PHE A 249 -25.18 28.66 30.01
C PHE A 249 -25.81 28.77 31.38
N PHE A 250 -24.99 29.12 32.35
CA PHE A 250 -25.46 29.32 33.70
C PHE A 250 -25.19 30.77 33.99
N ASN A 251 -26.26 31.56 34.14
CA ASN A 251 -26.11 32.97 34.43
C ASN A 251 -25.97 33.11 35.93
N PRO A 252 -24.78 33.49 36.42
CA PRO A 252 -24.63 33.62 37.87
C PRO A 252 -25.60 34.65 38.46
N LYS A 253 -25.96 35.66 37.66
CA LYS A 253 -26.89 36.72 38.07
C LYS A 253 -28.31 36.23 38.33
N THR A 254 -28.79 35.32 37.49
CA THR A 254 -30.14 34.78 37.63
C THR A 254 -30.12 33.44 38.37
N LYS A 255 -28.95 32.82 38.40
CA LYS A 255 -28.76 31.50 39.03
C LYS A 255 -29.51 30.45 38.22
N LYS A 256 -29.78 30.77 36.96
CA LYS A 256 -30.50 29.83 36.09
C LYS A 256 -29.73 29.34 34.87
N TRP A 257 -30.10 28.16 34.41
CA TRP A 257 -29.49 27.53 33.24
C TRP A 257 -30.36 27.79 32.01
N THR A 258 -29.74 28.30 30.95
CA THR A 258 -30.45 28.61 29.72
C THR A 258 -29.68 28.13 28.49
N ASN A 259 -30.30 28.23 27.32
CA ASN A 259 -29.65 27.82 26.08
C ASN A 259 -29.32 29.03 25.19
N LYS A 260 -29.51 30.22 25.74
CA LYS A 260 -29.21 31.48 25.05
C LYS A 260 -27.85 32.02 25.49
N ASP A 261 -26.97 32.34 24.56
CA ASP A 261 -25.67 32.86 24.94
C ASP A 261 -25.65 34.33 25.40
N THR A 262 -26.82 34.90 25.67
CA THR A 262 -26.91 36.27 26.16
C THR A 262 -28.05 36.36 27.16
N ASP A 263 -28.00 37.37 28.04
CA ASP A 263 -29.08 37.53 29.00
C ASP A 263 -30.16 38.47 28.45
N ALA A 264 -31.15 38.78 29.26
CA ALA A 264 -32.23 39.67 28.84
C ALA A 264 -31.69 40.97 28.26
N GLU A 265 -30.72 41.57 28.95
CA GLU A 265 -30.11 42.83 28.50
C GLU A 265 -29.29 42.62 27.22
N GLY A 266 -29.04 41.37 26.87
CA GLY A 266 -28.28 41.06 25.66
C GLY A 266 -26.79 40.91 25.88
N LYS A 267 -26.36 40.94 27.14
CA LYS A 267 -24.94 40.79 27.47
C LYS A 267 -24.50 39.34 27.26
N PRO A 268 -23.24 39.13 26.85
CA PRO A 268 -22.61 37.83 26.57
C PRO A 268 -22.45 36.87 27.76
N LEU A 269 -22.99 35.66 27.60
CA LEU A 269 -22.90 34.66 28.65
C LEU A 269 -21.87 33.59 28.30
N GLU A 270 -21.03 33.23 29.29
CA GLU A 270 -20.02 32.22 29.07
C GLU A 270 -20.62 30.82 29.18
N ARG A 271 -20.34 30.03 28.17
CA ARG A 271 -20.76 28.63 28.03
C ARG A 271 -20.36 27.79 29.26
N ALA A 272 -21.30 26.96 29.75
CA ALA A 272 -21.06 26.11 30.92
C ALA A 272 -19.78 25.27 30.85
N PHE A 273 -19.45 24.77 29.66
CA PHE A 273 -18.24 23.97 29.49
C PHE A 273 -17.01 24.80 29.85
N ASN A 274 -16.98 26.05 29.37
CA ASN A 274 -15.88 26.99 29.60
C ASN A 274 -15.79 27.43 31.04
N MET A 275 -16.95 27.71 31.61
CA MET A 275 -17.04 28.21 32.97
C MET A 275 -16.76 27.21 34.09
N PHE A 276 -17.18 25.97 33.91
CA PHE A 276 -17.01 24.97 34.96
C PHE A 276 -15.94 23.91 34.76
N ILE A 277 -15.53 23.67 33.52
CA ILE A 277 -14.50 22.67 33.27
C ILE A 277 -13.18 23.29 32.82
N LEU A 278 -13.21 24.20 31.86
CA LEU A 278 -11.99 24.82 31.39
C LEU A 278 -11.36 25.84 32.34
N ASP A 279 -12.17 26.73 32.89
CA ASP A 279 -11.69 27.76 33.79
C ASP A 279 -10.86 27.21 34.96
N PRO A 280 -11.36 26.20 35.66
CA PRO A 280 -10.56 25.66 36.77
C PRO A 280 -9.18 25.18 36.27
N ILE A 281 -9.18 24.55 35.10
CA ILE A 281 -7.95 24.03 34.52
C ILE A 281 -7.06 25.19 34.11
N PHE A 282 -7.65 26.19 33.46
CA PHE A 282 -6.92 27.38 33.02
C PHE A 282 -6.30 28.10 34.21
N ARG A 283 -7.07 28.25 35.28
CA ARG A 283 -6.57 28.91 36.47
C ARG A 283 -5.41 28.15 37.12
N LEU A 284 -5.47 26.82 37.09
CA LEU A 284 -4.39 26.02 37.66
C LEU A 284 -3.11 26.24 36.87
N PHE A 285 -3.22 26.20 35.55
CA PHE A 285 -2.06 26.40 34.68
C PHE A 285 -1.46 27.79 34.92
N THR A 286 -2.29 28.81 34.78
CA THR A 286 -1.84 30.19 34.96
C THR A 286 -1.20 30.48 36.30
N ALA A 287 -1.76 29.94 37.38
CA ALA A 287 -1.22 30.18 38.72
C ALA A 287 0.09 29.46 38.98
N ILE A 288 0.16 28.20 38.59
CA ILE A 288 1.34 27.38 38.79
C ILE A 288 2.50 27.80 37.90
N MET A 289 2.22 28.07 36.62
CA MET A 289 3.28 28.46 35.69
C MET A 289 3.80 29.88 35.92
N ASN A 290 3.04 30.70 36.63
CA ASN A 290 3.47 32.07 36.90
C ASN A 290 3.93 32.21 38.35
N PHE A 291 4.11 31.08 39.02
CA PHE A 291 4.61 31.04 40.39
C PHE A 291 3.85 31.87 41.42
N LYS A 292 2.54 32.01 41.25
CA LYS A 292 1.72 32.76 42.19
C LYS A 292 1.54 31.93 43.46
N LYS A 293 2.62 31.80 44.22
CA LYS A 293 2.65 31.01 45.45
C LYS A 293 1.62 31.30 46.55
N ASP A 294 0.86 32.37 46.42
CA ASP A 294 -0.17 32.66 47.41
C ASP A 294 -1.54 32.35 46.85
N GLU A 295 -1.59 32.06 45.56
CA GLU A 295 -2.84 31.74 44.88
C GLU A 295 -3.00 30.25 44.62
N ILE A 296 -1.88 29.52 44.62
CA ILE A 296 -1.89 28.09 44.34
C ILE A 296 -2.48 27.22 45.47
N PRO A 297 -2.10 27.47 46.73
CA PRO A 297 -2.63 26.69 47.85
C PRO A 297 -4.15 26.74 47.96
N VAL A 298 -4.71 27.93 47.74
CA VAL A 298 -6.16 28.13 47.80
C VAL A 298 -6.85 27.37 46.67
N LEU A 299 -6.38 27.60 45.46
CA LEU A 299 -6.94 26.93 44.29
C LEU A 299 -6.93 25.41 44.48
N LEU A 300 -5.80 24.86 44.95
CA LEU A 300 -5.67 23.43 45.19
C LEU A 300 -6.61 22.96 46.27
N GLU A 301 -6.77 23.78 47.31
CA GLU A 301 -7.65 23.44 48.40
C GLU A 301 -9.09 23.37 47.90
N LYS A 302 -9.50 24.37 47.12
CA LYS A 302 -10.85 24.43 46.57
C LYS A 302 -11.18 23.24 45.69
N LEU A 303 -10.19 22.76 44.95
CA LEU A 303 -10.37 21.61 44.06
C LEU A 303 -10.11 20.31 44.80
N GLU A 304 -9.85 20.43 46.10
CA GLU A 304 -9.54 19.28 46.95
C GLU A 304 -8.35 18.47 46.43
N ILE A 305 -7.25 19.15 46.12
CA ILE A 305 -6.04 18.47 45.64
C ILE A 305 -5.03 18.51 46.80
N VAL A 306 -4.42 17.37 47.10
CA VAL A 306 -3.45 17.33 48.20
C VAL A 306 -2.03 16.93 47.83
N LEU A 307 -1.10 17.84 48.08
CA LEU A 307 0.31 17.60 47.83
C LEU A 307 0.89 16.95 49.09
N LYS A 308 1.66 15.89 48.92
CA LYS A 308 2.22 15.20 50.08
C LYS A 308 3.73 15.05 49.97
N GLY A 309 4.42 15.30 51.08
CA GLY A 309 5.86 15.18 51.10
C GLY A 309 6.60 16.14 50.17
N ASP A 310 7.59 15.61 49.47
CA ASP A 310 8.41 16.39 48.55
C ASP A 310 7.61 17.16 47.51
N GLU A 311 6.37 16.76 47.27
CA GLU A 311 5.55 17.45 46.27
C GLU A 311 5.31 18.90 46.67
N LYS A 312 5.09 19.14 47.95
CA LYS A 312 4.85 20.49 48.44
C LYS A 312 5.92 21.50 48.00
N ASP A 313 7.10 21.00 47.62
CA ASP A 313 8.20 21.87 47.21
C ASP A 313 8.29 22.17 45.72
N LEU A 314 7.66 21.34 44.90
CA LEU A 314 7.68 21.51 43.44
C LEU A 314 7.11 22.87 43.00
N GLU A 315 7.54 23.33 41.83
CA GLU A 315 7.06 24.58 41.24
C GLU A 315 7.02 24.40 39.73
N GLY A 316 6.48 25.38 39.01
CA GLY A 316 6.42 25.29 37.56
C GLY A 316 5.82 24.02 37.00
N LYS A 317 6.29 23.61 35.81
CA LYS A 317 5.78 22.41 35.14
C LYS A 317 5.78 21.17 36.03
N ALA A 318 6.86 20.99 36.79
CA ALA A 318 6.98 19.86 37.68
C ALA A 318 5.78 19.81 38.62
N LEU A 319 5.41 20.95 39.18
CA LEU A 319 4.28 21.01 40.09
C LEU A 319 2.99 20.76 39.29
N LEU A 320 2.91 21.41 38.14
CA LEU A 320 1.75 21.28 37.26
C LEU A 320 1.49 19.81 36.91
N LYS A 321 2.50 19.15 36.35
CA LYS A 321 2.39 17.74 35.98
C LYS A 321 1.83 16.93 37.13
N VAL A 322 2.40 17.13 38.32
CA VAL A 322 1.98 16.41 39.51
C VAL A 322 0.58 16.76 40.00
N VAL A 323 0.21 18.03 39.88
CA VAL A 323 -1.12 18.48 40.30
C VAL A 323 -2.22 17.98 39.36
N MET A 324 -1.97 18.02 38.05
CA MET A 324 -2.96 17.56 37.07
C MET A 324 -3.20 16.04 37.12
N ARG A 325 -2.15 15.28 37.45
CA ARG A 325 -2.25 13.82 37.54
C ARG A 325 -3.17 13.46 38.68
N LYS A 326 -3.10 14.23 39.77
CA LYS A 326 -3.94 14.00 40.95
C LYS A 326 -5.38 14.44 40.70
N PHE A 327 -5.50 15.57 40.03
CA PHE A 327 -6.79 16.17 39.73
C PHE A 327 -7.59 15.36 38.70
N LEU A 328 -6.93 14.92 37.64
CA LEU A 328 -7.62 14.18 36.59
C LEU A 328 -6.72 13.10 35.95
N PRO A 329 -6.48 11.98 36.67
CA PRO A 329 -5.63 10.90 36.12
C PRO A 329 -6.16 10.50 34.74
N ALA A 330 -4.30 11.63 31.00
CA ALA A 330 -4.65 11.34 29.62
C ALA A 330 -5.29 9.97 29.42
N ALA A 331 -4.56 8.92 29.74
CA ALA A 331 -5.07 7.55 29.59
C ALA A 331 -6.53 7.41 30.00
N ASP A 332 -6.89 8.04 31.11
CA ASP A 332 -8.26 7.97 31.61
C ASP A 332 -9.29 8.46 30.59
N ALA A 333 -8.98 9.57 29.91
CA ALA A 333 -9.90 10.11 28.93
C ALA A 333 -10.05 9.13 27.77
N LEU A 334 -8.92 8.64 27.27
CA LEU A 334 -8.91 7.70 26.14
C LEU A 334 -9.61 6.37 26.46
N LEU A 335 -9.26 5.76 27.59
CA LEU A 335 -9.89 4.49 27.99
C LEU A 335 -11.40 4.63 28.11
N GLU A 336 -11.84 5.79 28.59
CA GLU A 336 -13.27 6.06 28.76
C GLU A 336 -13.99 5.99 27.43
N MET A 337 -13.43 6.61 26.38
CA MET A 337 -14.09 6.57 25.08
C MET A 337 -14.03 5.15 24.50
N ILE A 338 -12.91 4.47 24.72
CA ILE A 338 -12.74 3.13 24.21
C ILE A 338 -13.76 2.16 24.78
N VAL A 339 -13.87 2.12 26.10
CA VAL A 339 -14.80 1.22 26.78
C VAL A 339 -16.27 1.58 26.55
N LEU A 340 -16.62 2.85 26.74
CA LEU A 340 -18.00 3.30 26.59
C LEU A 340 -18.53 3.41 25.19
N HIS A 341 -17.67 3.69 24.22
CA HIS A 341 -18.13 3.90 22.85
C HIS A 341 -17.69 2.93 21.74
N LEU A 342 -16.46 2.45 21.78
CA LEU A 342 -16.02 1.53 20.75
C LEU A 342 -16.76 0.22 20.97
N PRO A 343 -17.16 -0.47 19.90
CA PRO A 343 -17.88 -1.74 19.98
C PRO A 343 -17.05 -2.93 20.44
N SER A 344 -17.71 -3.88 21.08
CA SER A 344 -17.05 -5.10 21.51
C SER A 344 -17.15 -5.98 20.29
N PRO A 345 -17.07 -9.67 18.92
CA PRO A 345 -17.12 -10.42 17.66
C PRO A 345 -18.55 -10.93 17.40
N VAL A 346 -19.24 -11.33 18.46
CA VAL A 346 -20.61 -11.82 18.33
C VAL A 346 -21.53 -10.77 17.71
N THR A 347 -21.40 -9.55 18.22
CA THR A 347 -22.19 -8.43 17.75
C THR A 347 -21.82 -8.08 16.32
N ALA A 348 -20.52 -7.94 16.07
CA ALA A 348 -20.03 -7.53 14.75
C ALA A 348 -20.15 -8.54 13.62
N GLN A 349 -19.80 -9.80 13.87
CA GLN A 349 -19.86 -10.79 12.80
C GLN A 349 -21.28 -10.99 12.28
N ALA A 350 -22.26 -10.48 13.00
CA ALA A 350 -23.65 -10.60 12.59
C ALA A 350 -23.95 -9.72 11.38
N TYR A 351 -23.31 -8.56 11.29
CA TYR A 351 -23.54 -7.68 10.16
C TYR A 351 -22.33 -7.57 9.24
N ARG A 352 -21.28 -8.32 9.54
CA ARG A 352 -20.07 -8.28 8.72
C ARG A 352 -19.92 -9.56 7.91
N ALA A 353 -20.62 -10.60 8.33
CA ALA A 353 -20.57 -11.90 7.68
C ALA A 353 -20.59 -11.91 6.15
N GLU A 354 -21.61 -11.31 5.55
CA GLU A 354 -21.72 -11.30 4.11
C GLU A 354 -20.56 -10.67 3.35
N GLN A 355 -20.03 -9.54 3.82
CA GLN A 355 -18.90 -8.92 3.14
C GLN A 355 -17.71 -9.84 3.25
N LEU A 356 -17.40 -10.24 4.47
CA LEU A 356 -16.27 -11.12 4.75
C LEU A 356 -16.30 -12.41 3.93
N TYR A 357 -17.50 -12.90 3.63
CA TYR A 357 -17.63 -14.15 2.90
C TYR A 357 -18.01 -14.02 1.43
N GLU A 358 -17.13 -14.54 0.56
CA GLU A 358 -17.38 -14.50 -0.88
C GLU A 358 -18.54 -15.43 -1.25
N GLY A 359 -18.63 -16.57 -0.57
CA GLY A 359 -19.68 -17.54 -0.84
C GLY A 359 -21.13 -17.06 -0.76
N PRO A 360 -22.09 -18.01 -0.71
CA PRO A 360 -23.54 -17.75 -0.63
C PRO A 360 -23.93 -17.16 0.73
N ALA A 361 -24.80 -16.17 0.74
CA ALA A 361 -25.24 -15.56 1.98
C ALA A 361 -26.07 -16.53 2.81
N ASP A 362 -26.62 -17.55 2.15
CA ASP A 362 -27.44 -18.56 2.80
C ASP A 362 -26.61 -19.80 3.14
N ASP A 363 -25.36 -19.77 2.69
CA ASP A 363 -24.37 -20.84 2.88
C ASP A 363 -24.15 -21.23 4.35
N ALA A 364 -23.83 -22.50 4.57
CA ALA A 364 -23.59 -23.00 5.93
C ALA A 364 -22.42 -22.30 6.62
N ASN A 365 -21.42 -21.90 5.84
CA ASN A 365 -20.26 -21.22 6.40
C ASN A 365 -20.56 -19.77 6.69
N CYS A 366 -21.35 -19.13 5.84
CA CYS A 366 -21.70 -17.74 6.07
C CYS A 366 -22.49 -17.65 7.37
N ILE A 367 -23.46 -18.54 7.56
CA ILE A 367 -24.26 -18.55 8.78
C ILE A 367 -23.38 -18.76 10.00
N ALA A 368 -22.42 -19.67 9.91
CA ALA A 368 -21.51 -19.94 11.01
C ALA A 368 -20.70 -18.68 11.35
N ILE A 369 -20.46 -17.84 10.35
CA ILE A 369 -19.73 -16.59 10.57
C ILE A 369 -20.67 -15.61 11.28
N LYS A 370 -21.91 -15.51 10.79
CA LYS A 370 -22.88 -14.60 11.40
C LYS A 370 -23.10 -14.93 12.88
N ASN A 371 -23.09 -16.21 13.20
CA ASN A 371 -23.30 -16.66 14.57
C ASN A 371 -22.01 -16.82 15.36
N CYS A 372 -20.87 -16.63 14.69
CA CYS A 372 -19.59 -16.78 15.37
C CYS A 372 -19.66 -18.14 16.09
N ASP A 373 -20.12 -19.13 15.35
CA ASP A 373 -20.31 -20.49 15.83
C ASP A 373 -19.02 -21.27 15.89
N PRO A 374 -18.57 -21.63 17.11
CA PRO A 374 -17.33 -22.39 17.33
C PRO A 374 -17.42 -23.90 17.03
N LYS A 375 -18.64 -24.41 16.85
CA LYS A 375 -18.83 -25.83 16.57
C LYS A 375 -18.98 -26.14 15.10
N ALA A 376 -19.06 -25.09 14.28
CA ALA A 376 -19.20 -25.25 12.83
C ALA A 376 -17.85 -25.59 12.20
N ASP A 377 -17.84 -25.71 10.88
CA ASP A 377 -16.61 -25.98 10.17
C ASP A 377 -15.73 -24.75 10.33
N LEU A 378 -14.43 -24.93 10.14
CA LEU A 378 -13.48 -23.85 10.28
C LEU A 378 -13.53 -22.79 9.20
N MET A 379 -13.44 -21.53 9.63
CA MET A 379 -13.41 -20.39 8.73
C MET A 379 -12.41 -19.43 9.37
N LEU A 380 -11.12 -19.68 9.12
CA LEU A 380 -10.05 -18.87 9.68
C LEU A 380 -9.40 -18.02 8.60
N TYR A 381 -9.44 -16.70 8.77
CA TYR A 381 -8.85 -15.76 7.82
C TYR A 381 -7.40 -15.42 8.18
N VAL A 382 -6.47 -15.59 7.25
CA VAL A 382 -5.07 -15.26 7.51
C VAL A 382 -4.80 -13.84 7.08
N SER A 383 -4.62 -12.98 8.08
CA SER A 383 -4.38 -11.56 7.86
C SER A 383 -3.03 -11.27 7.21
N LYS A 384 -1.97 -11.91 7.69
CA LYS A 384 -0.62 -11.74 7.15
C LYS A 384 0.38 -12.72 7.76
N MET A 385 1.56 -12.81 7.16
CA MET A 385 2.61 -13.68 7.68
C MET A 385 3.54 -12.78 8.48
N VAL A 386 3.84 -13.17 9.71
CA VAL A 386 4.70 -12.38 10.59
C VAL A 386 6.09 -12.99 10.75
N PRO A 387 7.13 -12.13 10.67
CA PRO A 387 8.52 -12.57 10.81
C PRO A 387 8.83 -13.07 12.21
N THR A 388 9.52 -14.20 12.29
CA THR A 388 9.90 -14.79 13.56
C THR A 388 11.41 -14.96 13.55
N SER A 389 11.98 -15.27 14.70
CA SER A 389 13.41 -15.48 14.84
C SER A 389 13.74 -16.95 14.62
N ASP A 390 12.72 -17.75 14.31
CA ASP A 390 12.90 -19.18 14.07
C ASP A 390 13.43 -19.38 12.66
N LYS A 391 14.73 -19.13 12.51
CA LYS A 391 15.43 -19.27 11.25
C LYS A 391 14.60 -19.22 9.97
N GLY A 392 14.24 -18.01 9.54
CA GLY A 392 13.49 -17.84 8.32
C GLY A 392 12.05 -18.30 8.28
N ARG A 393 11.46 -18.60 9.42
CA ARG A 393 10.07 -19.05 9.46
C ARG A 393 9.09 -17.91 9.77
N PHE A 394 8.00 -17.86 9.02
CA PHE A 394 6.96 -16.86 9.18
C PHE A 394 5.70 -17.51 9.74
N TYR A 395 5.15 -16.95 10.82
CA TYR A 395 3.93 -17.51 11.39
C TYR A 395 2.74 -16.80 10.79
N ALA A 396 1.66 -17.53 10.59
CA ALA A 396 0.45 -16.95 10.02
C ALA A 396 -0.35 -16.29 11.14
N PHE A 397 -0.77 -15.05 10.90
CA PHE A 397 -1.54 -14.28 11.87
C PHE A 397 -2.94 -14.13 11.30
N GLY A 398 -3.95 -14.33 12.15
CA GLY A 398 -5.31 -14.22 11.65
C GLY A 398 -6.39 -14.26 12.70
N ARG A 399 -7.61 -14.53 12.25
CA ARG A 399 -8.75 -14.58 13.13
C ARG A 399 -9.69 -15.71 12.81
N VAL A 400 -10.14 -16.42 13.84
CA VAL A 400 -11.07 -17.53 13.70
C VAL A 400 -12.46 -16.94 13.62
N PHE A 401 -13.10 -17.04 12.47
CA PHE A 401 -14.45 -16.49 12.32
C PHE A 401 -15.52 -17.54 12.60
N ALA A 402 -15.19 -18.80 12.33
CA ALA A 402 -16.10 -19.91 12.56
C ALA A 402 -15.33 -21.15 12.97
N GLY A 403 -15.96 -22.04 13.72
CA GLY A 403 -15.32 -23.26 14.16
C GLY A 403 -14.29 -22.94 15.21
N THR A 404 -13.34 -23.84 15.41
CA THR A 404 -12.25 -23.65 16.36
C THR A 404 -11.05 -24.36 15.74
N VAL A 405 -9.89 -23.73 15.80
CA VAL A 405 -8.68 -24.32 15.25
C VAL A 405 -7.92 -25.08 16.35
N LYS A 406 -7.34 -26.23 15.99
CA LYS A 406 -6.62 -27.04 16.97
C LYS A 406 -5.23 -27.42 16.47
N SER A 407 -4.32 -27.65 17.41
CA SER A 407 -2.97 -28.05 17.06
C SER A 407 -2.99 -29.45 16.45
N GLY A 408 -2.31 -29.62 15.34
CA GLY A 408 -2.28 -30.92 14.68
C GLY A 408 -3.56 -31.22 13.93
N GLN A 409 -4.37 -30.19 13.70
CA GLN A 409 -5.64 -30.35 13.00
C GLN A 409 -5.44 -30.37 11.49
N LYS A 410 -6.17 -31.26 10.81
CA LYS A 410 -6.09 -31.33 9.36
C LYS A 410 -6.99 -30.22 8.84
N VAL A 411 -6.43 -29.27 8.10
CA VAL A 411 -7.21 -28.16 7.57
C VAL A 411 -6.94 -27.97 6.08
N ARG A 412 -7.77 -27.17 5.43
CA ARG A 412 -7.62 -26.89 4.00
C ARG A 412 -7.18 -25.46 3.73
N ILE A 413 -5.91 -25.27 3.36
CA ILE A 413 -5.34 -23.96 3.07
C ILE A 413 -5.71 -23.48 1.67
N GLN A 414 -6.50 -22.42 1.57
CA GLN A 414 -6.94 -21.89 0.27
C GLN A 414 -6.35 -20.51 -0.04
N GLY A 415 -5.44 -20.45 -1.01
CA GLY A 415 -4.81 -19.20 -1.39
C GLY A 415 -5.79 -18.17 -1.96
N PRO A 416 -5.26 -17.06 -2.54
CA PRO A 416 -6.08 -15.98 -3.12
C PRO A 416 -6.81 -16.35 -4.41
N ASN A 417 -6.41 -17.46 -5.03
CA ASN A 417 -7.05 -17.88 -6.29
C ASN A 417 -7.88 -19.16 -6.19
N TYR A 418 -8.07 -19.69 -4.99
CA TYR A 418 -8.85 -20.91 -4.82
C TYR A 418 -10.33 -20.78 -5.11
N VAL A 419 -10.88 -21.84 -5.70
CA VAL A 419 -12.30 -21.93 -6.03
C VAL A 419 -12.75 -23.35 -5.67
N PRO A 420 -13.86 -23.48 -4.93
CA PRO A 420 -14.39 -24.79 -4.51
C PRO A 420 -14.35 -25.89 -5.57
N GLY A 421 -14.41 -25.52 -6.85
CA GLY A 421 -14.40 -26.51 -7.91
C GLY A 421 -13.04 -26.97 -8.40
N LYS A 422 -12.10 -26.04 -8.52
CA LYS A 422 -10.76 -26.36 -8.98
C LYS A 422 -9.80 -26.66 -7.83
N LYS A 423 -8.65 -27.25 -8.14
CA LYS A 423 -7.67 -27.57 -7.12
C LYS A 423 -6.52 -26.56 -7.08
N ASP A 424 -6.82 -25.34 -7.51
CA ASP A 424 -5.84 -24.26 -7.52
C ASP A 424 -5.66 -23.73 -6.10
N ASP A 425 -4.44 -23.31 -5.76
CA ASP A 425 -4.15 -22.78 -4.43
C ASP A 425 -4.51 -23.68 -3.24
N LEU A 426 -5.15 -24.82 -3.49
CA LEU A 426 -5.52 -25.72 -2.40
C LEU A 426 -4.31 -26.42 -1.80
N PHE A 427 -4.29 -26.53 -0.48
CA PHE A 427 -3.20 -27.18 0.23
C PHE A 427 -3.70 -27.80 1.52
N ILE A 428 -3.78 -29.12 1.56
CA ILE A 428 -4.25 -29.78 2.76
C ILE A 428 -3.00 -30.14 3.55
N LYS A 429 -2.97 -29.74 4.81
CA LYS A 429 -1.84 -30.02 5.67
C LYS A 429 -2.31 -29.84 7.11
N ALA A 430 -1.64 -30.49 8.04
CA ALA A 430 -1.99 -30.36 9.45
C ALA A 430 -1.34 -29.09 10.00
N ILE A 431 -2.01 -28.44 10.94
CA ILE A 431 -1.47 -27.23 11.55
C ILE A 431 -0.59 -27.74 12.68
N GLN A 432 0.69 -27.39 12.62
CA GLN A 432 1.65 -27.83 13.61
C GLN A 432 1.42 -27.35 15.03
N ARG A 433 1.07 -26.08 15.18
CA ARG A 433 0.87 -25.53 16.51
C ARG A 433 0.03 -24.26 16.44
N VAL A 434 -0.81 -24.07 17.46
CA VAL A 434 -1.65 -22.89 17.56
C VAL A 434 -1.02 -22.06 18.68
N VAL A 435 -0.65 -20.83 18.36
CA VAL A 435 0.00 -19.98 19.34
C VAL A 435 -0.71 -18.65 19.59
N LEU A 436 -0.62 -18.18 20.83
CA LEU A 436 -1.19 -16.88 21.19
C LEU A 436 -0.12 -15.88 20.75
N MET A 437 -0.52 -14.84 20.02
CA MET A 437 0.44 -13.83 19.58
C MET A 437 0.39 -12.70 20.61
N MET A 438 1.33 -12.73 21.56
CA MET A 438 1.40 -11.74 22.61
C MET A 438 2.61 -10.83 22.46
N GLY A 439 2.49 -9.75 21.70
CA GLY A 439 3.62 -8.87 21.53
C GLY A 439 4.69 -9.54 20.69
N ARG A 440 5.91 -9.62 21.22
CA ARG A 440 7.02 -10.24 20.49
C ARG A 440 7.12 -11.72 20.79
N PHE A 441 6.25 -12.20 21.67
CA PHE A 441 6.27 -13.60 22.06
C PHE A 441 5.04 -14.39 21.65
N VAL A 442 5.17 -15.71 21.75
CA VAL A 442 4.11 -16.62 21.40
C VAL A 442 3.90 -17.58 22.55
N GLU A 443 2.72 -18.19 22.60
CA GLU A 443 2.39 -19.14 23.64
C GLU A 443 1.57 -20.28 23.05
N PRO A 444 2.18 -21.46 22.88
CA PRO A 444 1.45 -22.60 22.33
C PRO A 444 0.19 -22.84 23.13
N ILE A 445 -0.89 -23.18 22.43
CA ILE A 445 -2.18 -23.43 23.05
C ILE A 445 -2.76 -24.60 22.24
N ASP A 446 -3.71 -25.34 22.82
CA ASP A 446 -4.28 -26.49 22.10
C ASP A 446 -5.30 -26.09 21.06
N ASP A 447 -6.21 -25.20 21.43
CA ASP A 447 -7.23 -24.76 20.48
C ASP A 447 -7.60 -23.32 20.66
N CYS A 448 -8.46 -22.85 19.76
CA CYS A 448 -8.92 -21.47 19.81
C CYS A 448 -10.24 -21.39 19.06
N PRO A 449 -11.32 -21.03 19.77
CA PRO A 449 -12.66 -20.93 19.18
C PRO A 449 -12.95 -19.64 18.42
N ALA A 450 -14.03 -19.68 17.65
CA ALA A 450 -14.47 -18.54 16.84
C ALA A 450 -14.59 -17.24 17.63
N GLY A 451 -14.13 -16.15 17.02
CA GLY A 451 -14.19 -14.85 17.66
C GLY A 451 -12.84 -14.33 18.13
N ASN A 452 -11.83 -15.20 18.16
CA ASN A 452 -10.51 -14.82 18.63
C ASN A 452 -9.43 -14.63 17.58
N ILE A 453 -8.41 -13.87 17.96
CA ILE A 453 -7.25 -13.60 17.12
C ILE A 453 -6.27 -14.73 17.47
N ILE A 454 -5.44 -15.15 16.51
CA ILE A 454 -4.52 -16.24 16.81
C ILE A 454 -3.43 -16.35 15.77
N GLY A 455 -2.38 -17.09 16.14
CA GLY A 455 -1.27 -17.32 15.23
C GLY A 455 -1.08 -18.80 14.95
N LEU A 456 -0.78 -19.13 13.69
CA LEU A 456 -0.57 -20.52 13.25
C LEU A 456 0.85 -20.78 12.77
N VAL A 457 1.46 -21.84 13.28
CA VAL A 457 2.82 -22.17 12.85
C VAL A 457 2.78 -23.38 11.92
N GLY A 458 3.55 -23.31 10.83
CA GLY A 458 3.59 -24.39 9.88
C GLY A 458 2.89 -24.09 8.57
N ILE A 459 2.32 -22.90 8.44
CA ILE A 459 1.60 -22.52 7.22
C ILE A 459 2.47 -21.74 6.22
N ASP A 460 3.69 -21.39 6.63
CA ASP A 460 4.66 -20.63 5.83
C ASP A 460 4.67 -20.86 4.31
N GLN A 461 5.05 -22.07 3.93
CA GLN A 461 5.18 -22.49 2.53
C GLN A 461 3.94 -22.40 1.68
N PHE A 462 2.80 -22.74 2.26
CA PHE A 462 1.56 -22.74 1.53
C PHE A 462 0.90 -21.38 1.37
N LEU A 463 1.14 -20.48 2.31
CA LEU A 463 0.53 -19.17 2.23
C LEU A 463 1.52 -18.03 2.43
N LEU A 464 1.42 -17.02 1.58
CA LEU A 464 2.27 -15.83 1.68
C LEU A 464 1.30 -14.67 1.56
N LYS A 465 1.09 -13.97 2.67
CA LYS A 465 0.15 -12.86 2.76
C LYS A 465 -1.23 -13.42 3.13
N THR A 466 -2.30 -12.87 2.58
CA THR A 466 -3.65 -13.35 2.91
C THR A 466 -4.04 -14.74 2.39
N GLY A 467 -5.03 -15.33 3.05
CA GLY A 467 -5.52 -16.66 2.69
C GLY A 467 -6.80 -16.99 3.45
N THR A 468 -7.19 -18.26 3.45
CA THR A 468 -8.41 -18.69 4.14
C THR A 468 -8.37 -20.18 4.50
N LEU A 469 -8.35 -20.49 5.79
CA LEU A 469 -8.33 -21.88 6.25
C LEU A 469 -9.73 -22.38 6.55
N THR A 470 -10.05 -23.56 6.02
CA THR A 470 -11.38 -24.15 6.23
C THR A 470 -11.27 -25.64 6.49
N THR A 471 -12.33 -26.18 7.05
CA THR A 471 -12.41 -27.60 7.34
C THR A 471 -13.61 -28.20 6.62
N SER A 472 -14.09 -27.44 5.62
CA SER A 472 -15.22 -27.83 4.81
C SER A 472 -14.85 -27.80 3.33
N GLU A 473 -15.15 -28.90 2.64
CA GLU A 473 -14.85 -29.02 1.22
C GLU A 473 -15.68 -28.04 0.39
N THR A 474 -16.78 -27.57 0.99
CA THR A 474 -17.70 -26.63 0.36
C THR A 474 -17.26 -25.19 0.60
N ALA A 475 -16.57 -24.99 1.71
CA ALA A 475 -16.10 -23.66 2.11
C ALA A 475 -15.57 -22.79 0.99
N HIS A 476 -16.13 -21.60 0.88
CA HIS A 476 -15.67 -20.61 -0.09
C HIS A 476 -14.62 -19.77 0.57
N ASN A 477 -13.84 -19.05 -0.23
CA ASN A 477 -12.79 -18.21 0.30
C ASN A 477 -13.35 -16.80 0.80
N MET A 478 -12.63 -16.06 1.75
CA MET A 478 -12.96 -14.63 2.36
C MET A 478 -12.37 -13.18 1.52
N LYS A 479 -12.33 -11.55 1.95
CA LYS A 479 -12.06 -9.80 1.27
C LYS A 479 -11.22 -7.93 1.62
N VAL A 480 -11.41 -5.96 1.40
CA VAL A 480 -10.46 -4.07 1.51
C VAL A 480 -10.08 -1.79 1.61
N MET A 481 -10.54 0.16 2.04
CA MET A 481 -10.46 2.34 2.24
C MET A 481 -10.42 3.95 1.20
N LYS A 482 -9.78 9.05 -1.11
CA LYS A 482 -9.48 10.33 -2.25
C LYS A 482 -8.02 10.72 -2.39
N PHE A 483 -0.67 10.97 -3.44
CA PHE A 483 0.57 10.21 -3.55
C PHE A 483 0.48 9.11 -4.61
N SER A 484 1.61 8.85 -5.27
CA SER A 484 1.67 7.81 -6.31
C SER A 484 1.43 6.43 -5.72
N VAL A 485 0.81 5.56 -6.51
CA VAL A 485 0.54 4.21 -6.03
C VAL A 485 1.07 3.17 -7.01
N SER A 486 1.77 3.63 -8.05
CA SER A 486 2.34 2.76 -9.08
C SER A 486 3.86 2.76 -9.00
N PRO A 487 4.49 1.58 -9.15
CA PRO A 487 5.95 1.45 -9.11
C PRO A 487 6.64 2.05 -10.33
N VAL A 488 6.43 3.33 -10.61
CA VAL A 488 7.03 3.97 -11.79
C VAL A 488 8.53 4.28 -11.73
N VAL A 489 9.12 4.24 -10.53
CA VAL A 489 10.55 4.52 -10.38
C VAL A 489 11.31 3.21 -10.12
N GLN A 490 12.19 2.84 -11.04
CA GLN A 490 12.93 1.58 -10.91
C GLN A 490 14.41 1.64 -11.24
N VAL A 491 15.19 0.81 -10.54
CA VAL A 491 16.64 0.72 -10.76
C VAL A 491 17.11 -0.73 -10.73
N ALA A 492 18.31 -0.96 -11.25
CA ALA A 492 18.89 -2.30 -11.27
C ALA A 492 19.78 -2.43 -10.03
N VAL A 493 19.63 -3.55 -9.33
CA VAL A 493 20.41 -3.79 -8.12
C VAL A 493 21.31 -4.99 -8.26
N GLU A 494 22.55 -4.85 -7.80
CA GLU A 494 23.51 -5.94 -7.90
C GLU A 494 24.55 -5.89 -6.80
N VAL A 495 25.01 -7.06 -6.36
CA VAL A 495 26.02 -7.14 -5.30
C VAL A 495 27.40 -6.74 -5.81
N LYS A 496 28.14 -6.02 -4.97
CA LYS A 496 29.49 -5.57 -5.32
C LYS A 496 30.45 -6.75 -5.24
N ASN A 497 30.05 -7.77 -4.47
CA ASN A 497 30.86 -8.96 -4.32
C ASN A 497 30.06 -10.19 -4.72
N ALA A 498 30.32 -10.64 -5.95
CA ALA A 498 29.65 -11.79 -6.56
C ALA A 498 29.12 -12.83 -5.59
N ASN A 499 29.93 -13.20 -4.61
CA ASN A 499 29.54 -14.22 -3.65
C ASN A 499 28.33 -13.87 -2.77
N ASP A 500 27.97 -12.59 -2.76
CA ASP A 500 26.85 -12.14 -1.95
C ASP A 500 25.48 -12.35 -2.59
N LEU A 501 25.47 -12.64 -3.88
CA LEU A 501 24.22 -12.85 -4.61
C LEU A 501 23.11 -13.55 -3.84
N PRO A 502 23.44 -14.59 -3.06
CA PRO A 502 22.40 -15.30 -2.31
C PRO A 502 21.64 -14.42 -1.31
N LYS A 503 22.37 -13.54 -0.63
CA LYS A 503 21.78 -12.66 0.36
C LYS A 503 20.90 -11.62 -0.31
N LEU A 504 21.32 -11.16 -1.50
CA LEU A 504 20.55 -10.19 -2.25
C LEU A 504 19.21 -10.80 -2.67
N VAL A 505 19.27 -11.97 -3.29
CA VAL A 505 18.06 -12.66 -3.75
C VAL A 505 17.12 -12.90 -2.58
N GLU A 506 17.69 -13.11 -1.40
CA GLU A 506 16.90 -13.35 -0.21
C GLU A 506 16.38 -12.03 0.34
N GLY A 507 17.21 -11.00 0.28
CA GLY A 507 16.81 -9.69 0.78
C GLY A 507 15.62 -9.14 0.04
N LEU A 508 15.59 -9.33 -1.27
CA LEU A 508 14.49 -8.84 -2.09
C LEU A 508 13.19 -9.46 -1.64
N LYS A 509 13.22 -10.75 -1.33
CA LYS A 509 12.01 -11.44 -0.87
C LYS A 509 11.54 -10.81 0.44
N ARG A 510 12.47 -10.62 1.36
CA ARG A 510 12.16 -9.99 2.65
C ARG A 510 11.59 -8.58 2.45
N LEU A 511 12.21 -7.83 1.54
CA LEU A 511 11.78 -6.46 1.22
C LEU A 511 10.37 -6.44 0.62
N SER A 512 10.11 -7.34 -0.31
CA SER A 512 8.80 -7.41 -0.95
C SER A 512 7.70 -7.68 0.06
N LYS A 513 7.94 -8.65 0.96
CA LYS A 513 6.97 -9.03 1.97
C LYS A 513 6.61 -7.90 2.94
N SER A 514 7.60 -7.09 3.29
CA SER A 514 7.39 -5.98 4.22
C SER A 514 6.82 -4.73 3.60
N ASP A 515 6.86 -4.61 2.28
CA ASP A 515 6.34 -3.43 1.62
C ASP A 515 5.35 -3.82 0.52
N PRO A 516 4.09 -3.40 0.66
CA PRO A 516 3.06 -3.72 -0.35
C PRO A 516 3.30 -2.97 -1.66
N CYS A 517 3.75 -1.73 -1.56
CA CYS A 517 4.00 -0.91 -2.73
C CYS A 517 5.34 -1.10 -3.41
N VAL A 518 6.17 -1.99 -2.89
CA VAL A 518 7.47 -2.24 -3.50
C VAL A 518 7.41 -3.42 -4.48
N LEU A 519 8.15 -3.32 -5.58
CA LEU A 519 8.17 -4.36 -6.60
C LEU A 519 9.59 -4.76 -7.01
N THR A 520 9.83 -6.07 -7.15
CA THR A 520 11.12 -6.59 -7.58
C THR A 520 10.89 -7.72 -8.56
N TYR A 521 11.68 -7.75 -9.64
CA TYR A 521 11.56 -8.77 -10.67
C TYR A 521 12.84 -8.81 -11.50
N MET A 522 13.06 -9.87 -12.25
CA MET A 522 14.25 -10.00 -13.09
C MET A 522 13.98 -9.48 -14.52
N SER A 523 14.86 -8.60 -15.00
CA SER A 523 14.68 -7.99 -16.31
C SER A 523 15.07 -8.89 -17.46
N GLU A 524 14.62 -8.52 -18.66
CA GLU A 524 14.91 -9.26 -19.87
C GLU A 524 16.41 -9.39 -20.07
N SER A 525 17.18 -8.45 -19.51
CA SER A 525 18.63 -8.47 -19.63
C SER A 525 19.35 -9.12 -18.46
N GLY A 526 18.59 -9.76 -17.57
CA GLY A 526 19.17 -10.44 -16.44
C GLY A 526 19.57 -9.60 -15.24
N GLU A 527 18.89 -8.49 -15.00
CA GLU A 527 19.18 -7.64 -13.85
C GLU A 527 18.05 -7.68 -12.84
N HIS A 528 18.38 -7.68 -11.55
CA HIS A 528 17.35 -7.65 -10.52
C HIS A 528 16.83 -6.21 -10.53
N ILE A 529 15.52 -6.05 -10.63
CA ILE A 529 14.95 -4.72 -10.64
C ILE A 529 14.14 -4.49 -9.37
N VAL A 530 14.30 -3.30 -8.81
CA VAL A 530 13.56 -2.90 -7.63
C VAL A 530 12.88 -1.61 -8.05
N ALA A 531 11.56 -1.54 -7.87
CA ALA A 531 10.80 -0.38 -8.28
C ALA A 531 9.97 0.15 -7.13
N GLY A 532 9.91 1.47 -7.02
CA GLY A 532 9.15 2.09 -5.97
C GLY A 532 8.15 3.09 -6.50
N THR A 533 7.18 3.40 -5.65
CA THR A 533 6.10 4.34 -5.94
C THR A 533 6.61 5.72 -6.37
N GLY A 534 7.64 6.20 -5.68
CA GLY A 534 8.22 7.50 -5.99
C GLY A 534 9.70 7.45 -5.69
N GLU A 535 10.45 8.47 -6.10
CA GLU A 535 11.89 8.48 -5.86
C GLU A 535 12.26 8.29 -4.38
N LEU A 536 11.51 8.93 -3.50
CA LEU A 536 11.76 8.82 -2.08
C LEU A 536 11.48 7.41 -1.56
N HIS A 537 10.35 6.86 -1.97
CA HIS A 537 9.97 5.51 -1.56
C HIS A 537 11.06 4.52 -1.97
N LEU A 538 11.48 4.61 -3.22
CA LEU A 538 12.51 3.73 -3.75
C LEU A 538 13.81 3.84 -2.95
N GLU A 539 14.12 5.07 -2.52
CA GLU A 539 15.32 5.31 -1.73
C GLU A 539 15.27 4.60 -0.37
N ILE A 540 14.13 4.71 0.32
CA ILE A 540 14.01 4.05 1.62
C ILE A 540 14.22 2.56 1.36
N CYS A 541 13.49 2.04 0.37
CA CYS A 541 13.56 0.62 0.02
C CYS A 541 14.98 0.14 -0.23
N LEU A 542 15.75 0.90 -1.02
CA LEU A 542 17.13 0.52 -1.33
C LEU A 542 18.00 0.59 -0.09
N GLN A 543 17.77 1.58 0.75
CA GLN A 543 18.53 1.72 1.99
C GLN A 543 18.24 0.50 2.86
N ASP A 544 16.96 0.23 3.09
CA ASP A 544 16.57 -0.92 3.90
C ASP A 544 17.04 -2.24 3.31
N LEU A 545 16.97 -2.37 1.99
CA LEU A 545 17.41 -3.59 1.33
C LEU A 545 18.89 -3.80 1.62
N GLU A 546 19.70 -2.80 1.31
CA GLU A 546 21.14 -2.88 1.51
C GLU A 546 21.55 -3.06 2.97
N HIS A 547 21.02 -2.22 3.86
CA HIS A 547 21.40 -2.30 5.27
C HIS A 547 20.84 -3.48 6.05
N ASP A 548 19.53 -3.73 5.95
CA ASP A 548 18.90 -4.82 6.68
C ASP A 548 18.60 -6.06 5.86
N HIS A 549 17.51 -5.99 5.09
CA HIS A 549 17.05 -7.09 4.25
C HIS A 549 18.13 -7.98 3.64
N ALA A 550 19.11 -7.38 2.98
CA ALA A 550 20.18 -8.15 2.38
C ALA A 550 21.46 -7.99 3.20
N GLY A 551 21.67 -6.79 3.73
CA GLY A 551 22.84 -6.52 4.55
C GLY A 551 24.16 -6.77 3.84
N VAL A 552 24.29 -6.26 2.62
CA VAL A 552 25.51 -6.45 1.85
C VAL A 552 25.68 -5.29 0.87
N PRO A 553 26.93 -4.92 0.57
CA PRO A 553 27.16 -3.83 -0.38
C PRO A 553 26.38 -4.06 -1.67
N LEU A 554 25.56 -3.08 -2.06
CA LEU A 554 24.80 -3.19 -3.29
C LEU A 554 25.27 -2.12 -4.25
N LYS A 555 25.11 -2.37 -5.55
CA LYS A 555 25.48 -1.41 -6.58
C LYS A 555 24.19 -1.03 -7.30
N ILE A 556 23.92 0.27 -7.37
CA ILE A 556 22.71 0.76 -7.99
C ILE A 556 23.00 1.45 -9.32
N SER A 557 22.14 1.24 -10.29
CA SER A 557 22.32 1.81 -11.62
C SER A 557 21.06 1.77 -12.46
N PRO A 558 21.04 2.54 -13.56
CA PRO A 558 19.88 2.57 -14.46
C PRO A 558 19.78 1.21 -15.13
N PRO A 559 17.99 2.52 -15.56
CA PRO A 559 17.86 1.35 -16.42
C PRO A 559 18.05 1.68 -17.88
N VAL A 560 18.77 0.79 -18.58
CA VAL A 560 19.03 0.91 -20.00
C VAL A 560 17.69 0.67 -20.70
N VAL A 561 17.37 1.50 -21.68
CA VAL A 561 16.12 1.36 -22.42
C VAL A 561 16.36 0.52 -23.69
N ALA A 562 15.48 -0.43 -23.96
CA ALA A 562 15.60 -1.28 -25.13
C ALA A 562 14.92 -0.63 -26.32
N TYR A 563 15.50 -0.81 -27.51
CA TYR A 563 14.93 -0.24 -28.73
C TYR A 563 14.72 -1.33 -29.77
N ARG A 564 14.01 -0.99 -30.83
CA ARG A 564 13.75 -1.92 -31.93
C ARG A 564 14.29 -1.31 -33.22
N GLU A 565 14.71 -2.18 -34.13
CA GLU A 565 15.23 -1.74 -35.41
C GLU A 565 14.28 -2.11 -36.53
N THR A 566 13.74 -1.09 -37.19
CA THR A 566 12.81 -1.33 -38.28
C THR A 566 13.12 -0.49 -39.53
N VAL A 567 12.30 -0.67 -40.56
CA VAL A 567 12.43 0.02 -41.84
C VAL A 567 11.15 0.83 -42.13
N GLU A 568 11.30 2.01 -42.73
CA GLU A 568 10.14 2.87 -43.03
C GLU A 568 9.54 2.68 -44.43
N SER A 569 10.32 2.12 -45.36
CA SER A 569 9.83 1.89 -46.72
C SER A 569 10.56 0.71 -47.36
N GLU A 570 10.26 0.41 -48.61
CA GLU A 570 10.91 -0.70 -49.30
C GLU A 570 12.35 -0.32 -49.62
N SER A 571 13.20 -1.32 -49.84
CA SER A 571 14.60 -1.08 -50.18
C SER A 571 14.63 -0.21 -51.43
N SER A 572 15.40 0.88 -51.42
CA SER A 572 15.47 1.77 -52.57
C SER A 572 16.02 1.04 -53.81
N GLN A 573 16.59 -0.15 -53.59
CA GLN A 573 17.11 -0.96 -54.69
C GLN A 573 17.42 -2.35 -54.18
N THR A 574 17.34 -3.34 -55.07
CA THR A 574 17.62 -4.73 -54.73
C THR A 574 18.93 -4.87 -53.97
N ALA A 575 18.90 -5.62 -52.87
CA ALA A 575 20.10 -5.84 -52.06
C ALA A 575 20.81 -7.06 -52.65
N LEU A 576 22.11 -6.95 -52.83
CA LEU A 576 22.87 -8.05 -53.39
C LEU A 576 24.09 -8.35 -52.53
N SER A 577 24.23 -9.62 -52.15
CA SER A 577 25.36 -10.06 -51.34
C SER A 577 25.79 -11.45 -51.77
N LYS A 578 27.09 -11.72 -51.66
CA LYS A 578 27.61 -13.03 -52.03
C LYS A 578 28.18 -13.73 -50.80
N SER A 579 28.41 -15.03 -50.93
CA SER A 579 28.95 -15.83 -49.82
C SER A 579 30.47 -15.74 -49.78
N PRO A 580 31.08 -16.17 -48.67
CA PRO A 580 32.54 -16.11 -48.58
C PRO A 580 33.17 -16.76 -49.81
N ASN A 581 32.61 -17.87 -50.26
CA ASN A 581 33.09 -18.58 -51.44
C ASN A 581 33.10 -17.67 -52.67
N LYS A 582 32.15 -16.73 -52.68
CA LYS A 582 31.95 -15.81 -53.79
C LYS A 582 31.16 -16.54 -54.88
N HIS A 583 30.73 -17.77 -54.60
CA HIS A 583 29.97 -18.57 -55.55
C HIS A 583 28.45 -18.41 -55.40
N ASN A 584 28.00 -18.01 -54.22
CA ASN A 584 26.57 -17.88 -53.98
C ASN A 584 26.13 -16.44 -53.78
N ARG A 585 24.95 -16.11 -54.30
CA ARG A 585 24.43 -14.76 -54.16
C ARG A 585 22.96 -14.71 -53.82
N ILE A 586 22.58 -13.79 -52.94
CA ILE A 586 21.17 -13.65 -52.59
C ILE A 586 20.73 -12.24 -52.99
N TYR A 587 19.56 -12.15 -53.63
CA TYR A 587 18.99 -10.86 -54.05
C TYR A 587 17.73 -10.64 -53.24
N LEU A 588 17.65 -9.55 -52.49
CA LEU A 588 16.44 -9.30 -51.71
C LEU A 588 16.11 -7.83 -51.48
N LYS A 589 14.90 -7.60 -50.98
CA LYS A 589 14.45 -6.26 -50.66
C LYS A 589 13.72 -6.37 -49.33
N ALA A 590 13.77 -5.30 -48.55
CA ALA A 590 13.11 -5.28 -47.27
C ALA A 590 12.02 -4.22 -47.35
N GLU A 591 10.93 -4.43 -46.61
CA GLU A 591 9.83 -3.48 -46.59
C GLU A 591 9.14 -3.55 -45.23
N PRO A 592 8.48 -2.47 -44.82
CA PRO A 592 7.77 -2.40 -43.54
C PRO A 592 6.62 -3.37 -43.40
N ILE A 593 6.43 -3.90 -42.20
CA ILE A 593 5.27 -4.76 -41.95
C ILE A 593 4.34 -3.81 -41.22
N ASP A 594 3.06 -3.84 -41.56
CA ASP A 594 2.09 -2.95 -40.94
C ASP A 594 2.00 -3.19 -39.43
N GLU A 595 1.83 -2.13 -38.64
CA GLU A 595 1.70 -2.24 -37.18
C GLU A 595 0.61 -3.23 -36.75
N GLU A 596 -0.55 -3.13 -37.38
CA GLU A 596 -1.66 -4.02 -37.04
C GLU A 596 -1.24 -5.46 -37.20
N VAL A 597 -0.36 -5.73 -38.16
CA VAL A 597 0.10 -7.09 -38.42
C VAL A 597 1.15 -7.51 -37.40
N SER A 598 2.06 -6.59 -37.06
CA SER A 598 3.08 -6.88 -36.08
C SER A 598 2.35 -7.19 -34.78
N LEU A 599 1.39 -6.33 -34.44
CA LEU A 599 0.60 -6.50 -33.23
C LEU A 599 -0.12 -7.83 -33.26
N ALA A 600 -0.68 -8.18 -34.42
CA ALA A 600 -1.40 -9.43 -34.57
C ALA A 600 -0.48 -10.64 -34.28
N ILE A 601 0.78 -10.52 -34.72
CA ILE A 601 1.74 -11.58 -34.51
C ILE A 601 2.11 -11.63 -33.04
N GLU A 602 2.47 -10.48 -32.49
CA GLU A 602 2.85 -10.38 -31.09
C GLU A 602 1.75 -10.88 -30.15
N ASN A 603 0.49 -10.60 -30.50
CA ASN A 603 -0.61 -10.97 -29.61
C ASN A 603 -1.41 -12.25 -29.88
N GLY A 604 -0.99 -13.05 -30.85
CA GLY A 604 -1.69 -14.30 -31.09
C GLY A 604 -2.70 -14.49 -32.21
N ILE A 605 -2.92 -13.49 -33.07
CA ILE A 605 -3.87 -13.71 -34.16
C ILE A 605 -3.15 -14.43 -35.31
N ILE A 606 -1.91 -14.01 -35.59
CA ILE A 606 -1.10 -14.60 -36.65
C ILE A 606 0.03 -15.35 -35.97
N ASN A 607 0.01 -16.68 -36.06
CA ASN A 607 1.02 -17.47 -35.36
C ASN A 607 1.96 -18.33 -36.19
N PRO A 608 3.21 -18.44 -35.72
CA PRO A 608 4.29 -19.20 -36.36
C PRO A 608 3.92 -20.65 -36.64
N ARG A 609 3.22 -21.29 -35.71
CA ARG A 609 2.86 -22.68 -35.89
C ARG A 609 1.49 -22.96 -36.50
N ASP A 610 0.71 -21.92 -36.78
CA ASP A 610 -0.60 -22.15 -37.39
C ASP A 610 -0.43 -22.79 -38.77
N ASP A 611 -1.52 -23.39 -39.25
CA ASP A 611 -1.53 -24.00 -40.57
C ASP A 611 -1.33 -22.86 -41.56
N PHE A 612 -0.27 -22.95 -42.36
CA PHE A 612 0.07 -21.92 -43.31
C PHE A 612 -1.09 -21.51 -44.23
N LYS A 613 -1.98 -22.44 -44.54
CA LYS A 613 -3.08 -22.10 -45.43
C LYS A 613 -4.10 -21.17 -44.80
N ALA A 614 -4.67 -21.60 -43.68
CA ALA A 614 -5.66 -20.77 -42.99
C ALA A 614 -5.03 -19.43 -42.57
N ARG A 615 -3.76 -19.46 -42.15
CA ARG A 615 -3.09 -18.23 -41.76
C ARG A 615 -3.00 -17.27 -42.95
N ALA A 616 -2.66 -17.81 -44.12
CA ALA A 616 -2.52 -16.99 -45.30
C ALA A 616 -3.86 -16.39 -45.74
N ARG A 617 -4.95 -17.12 -45.51
CA ARG A 617 -6.29 -16.62 -45.87
C ARG A 617 -6.60 -15.39 -45.02
N ILE A 618 -6.20 -15.45 -43.74
CA ILE A 618 -6.41 -14.35 -42.81
C ILE A 618 -5.54 -13.16 -43.20
N MET A 619 -4.26 -13.40 -43.39
CA MET A 619 -3.36 -12.32 -43.75
C MET A 619 -3.78 -11.63 -45.04
N ALA A 620 -4.30 -12.40 -45.98
CA ALA A 620 -4.73 -11.87 -47.26
C ALA A 620 -6.11 -11.21 -47.18
N ASP A 621 -7.10 -11.95 -46.71
CA ASP A 621 -8.47 -11.42 -46.64
C ASP A 621 -8.69 -10.35 -45.58
N ASP A 622 -7.99 -10.45 -44.47
CA ASP A 622 -8.19 -9.49 -43.40
C ASP A 622 -7.09 -8.42 -43.26
N TYR A 623 -5.89 -8.70 -43.74
CA TYR A 623 -4.80 -7.75 -43.59
C TYR A 623 -4.21 -7.21 -44.89
N GLY A 624 -4.89 -7.50 -46.00
CA GLY A 624 -4.42 -7.00 -47.29
C GLY A 624 -3.20 -7.65 -47.91
N TRP A 625 -2.77 -8.78 -47.37
CA TRP A 625 -1.62 -9.43 -47.96
C TRP A 625 -2.00 -10.18 -49.23
N ASP A 626 -1.01 -10.44 -50.07
CA ASP A 626 -1.21 -11.22 -51.26
C ASP A 626 -1.14 -12.66 -50.70
N VAL A 627 -2.19 -13.46 -50.93
CA VAL A 627 -2.20 -14.80 -50.40
C VAL A 627 -1.04 -15.71 -50.79
N THR A 628 -0.41 -15.50 -51.95
CA THR A 628 0.73 -16.34 -52.33
C THR A 628 1.93 -15.97 -51.45
N ASP A 629 2.14 -14.68 -51.25
CA ASP A 629 3.22 -14.20 -50.40
C ASP A 629 3.04 -14.80 -49.01
N ALA A 630 1.82 -14.72 -48.49
CA ALA A 630 1.51 -15.24 -47.17
C ALA A 630 1.72 -16.74 -47.07
N ARG A 631 1.20 -17.49 -48.05
CA ARG A 631 1.38 -18.94 -48.01
C ARG A 631 2.85 -19.29 -48.04
N LYS A 632 3.67 -18.37 -48.54
CA LYS A 632 5.10 -18.60 -48.63
C LYS A 632 5.99 -17.97 -47.56
N ILE A 633 5.45 -17.64 -46.39
CA ILE A 633 6.35 -17.08 -45.38
C ILE A 633 7.25 -18.27 -45.00
N TRP A 634 8.56 -18.04 -44.95
CA TRP A 634 9.50 -19.10 -44.60
C TRP A 634 9.74 -19.24 -43.11
N CYS A 635 9.62 -18.14 -42.38
CA CYS A 635 9.82 -18.12 -40.93
C CYS A 635 9.51 -16.76 -40.32
N PHE A 636 9.39 -16.72 -39.00
CA PHE A 636 9.16 -15.47 -38.26
C PHE A 636 10.45 -15.30 -37.47
N GLY A 637 10.75 -14.08 -37.05
CA GLY A 637 11.96 -13.87 -36.29
C GLY A 637 11.88 -12.63 -35.45
N PRO A 638 12.69 -12.53 -34.38
CA PRO A 638 13.65 -13.55 -33.98
C PRO A 638 13.00 -14.68 -33.16
N ASP A 639 13.81 -15.61 -32.69
CA ASP A 639 13.30 -16.73 -31.88
C ASP A 639 12.19 -17.53 -32.55
N GLY A 640 12.12 -17.49 -33.87
CA GLY A 640 11.11 -18.25 -34.58
C GLY A 640 9.67 -17.74 -34.48
N ASN A 641 9.43 -16.70 -33.68
CA ASN A 641 8.06 -16.18 -33.53
C ASN A 641 7.96 -14.66 -33.49
N GLY A 642 9.04 -13.95 -33.77
CA GLY A 642 8.99 -12.51 -33.74
C GLY A 642 8.20 -11.86 -34.86
N PRO A 643 7.92 -10.56 -34.73
CA PRO A 643 7.18 -9.78 -35.72
C PRO A 643 8.02 -9.27 -36.91
N ASN A 644 8.71 -10.20 -37.56
CA ASN A 644 9.53 -9.94 -38.75
C ASN A 644 9.35 -11.22 -39.57
N LEU A 645 9.32 -11.11 -40.89
CA LEU A 645 9.11 -12.28 -41.73
C LEU A 645 9.99 -12.35 -42.99
N VAL A 646 10.20 -13.59 -43.44
CA VAL A 646 10.94 -13.85 -44.67
C VAL A 646 9.90 -14.51 -45.58
N ILE A 647 9.69 -13.91 -46.74
CA ILE A 647 8.75 -14.46 -47.71
C ILE A 647 9.56 -14.84 -48.94
N ASP A 648 9.26 -16.01 -49.51
CA ASP A 648 9.97 -16.48 -50.69
C ASP A 648 9.28 -16.00 -51.97
N GLN A 649 9.98 -15.22 -52.78
CA GLN A 649 9.44 -14.75 -54.05
C GLN A 649 10.35 -15.17 -55.22
N THR A 650 11.05 -16.29 -55.09
CA THR A 650 11.92 -16.78 -56.15
C THR A 650 11.13 -17.64 -57.11
N LYS A 651 11.56 -17.73 -58.37
CA LYS A 651 10.83 -18.51 -59.36
C LYS A 651 11.42 -19.85 -59.79
N ALA A 652 12.67 -19.86 -60.23
CA ALA A 652 13.24 -21.13 -60.67
C ALA A 652 14.60 -21.47 -60.10
N VAL A 653 14.74 -21.44 -58.79
CA VAL A 653 16.00 -21.79 -58.15
C VAL A 653 15.99 -23.30 -57.87
N GLN A 654 16.92 -24.01 -58.50
CA GLN A 654 17.02 -25.46 -58.39
C GLN A 654 17.18 -26.06 -57.00
N TYR A 655 18.19 -25.62 -56.27
CA TYR A 655 18.44 -26.15 -54.95
C TYR A 655 17.94 -25.26 -53.83
N LEU A 656 16.75 -24.71 -54.01
CA LEU A 656 16.16 -23.82 -53.00
C LEU A 656 15.91 -24.56 -51.71
N HIS A 657 15.16 -25.66 -51.80
CA HIS A 657 14.82 -26.46 -50.62
C HIS A 657 16.01 -26.77 -49.74
N GLU A 658 17.19 -26.88 -50.33
CA GLU A 658 18.39 -27.23 -49.56
C GLU A 658 19.03 -26.11 -48.76
N ILE A 659 18.71 -24.87 -49.11
CA ILE A 659 19.29 -23.73 -48.41
C ILE A 659 18.30 -23.09 -47.44
N LYS A 660 17.05 -23.57 -47.46
CA LYS A 660 16.00 -23.04 -46.60
C LYS A 660 16.44 -22.93 -45.14
N ASP A 661 16.96 -24.02 -44.58
CA ASP A 661 17.40 -23.99 -43.20
C ASP A 661 18.46 -22.92 -42.97
N SER A 662 19.40 -22.78 -43.89
CA SER A 662 20.43 -21.77 -43.74
C SER A 662 19.85 -20.35 -43.79
N VAL A 663 18.92 -20.12 -44.71
CA VAL A 663 18.29 -18.82 -44.84
C VAL A 663 17.49 -18.48 -43.57
N VAL A 664 16.70 -19.42 -43.08
CA VAL A 664 15.91 -19.24 -41.87
C VAL A 664 16.82 -18.90 -40.69
N ALA A 665 17.86 -19.71 -40.51
CA ALA A 665 18.82 -19.53 -39.42
C ALA A 665 19.47 -18.15 -39.47
N ALA A 666 19.82 -17.70 -40.68
CA ALA A 666 20.43 -16.39 -40.86
C ALA A 666 19.45 -15.29 -40.48
N PHE A 667 18.17 -15.52 -40.75
CA PHE A 667 17.17 -14.52 -40.41
C PHE A 667 17.03 -14.41 -38.88
N GLN A 668 17.03 -15.55 -38.20
CA GLN A 668 16.91 -15.54 -36.73
C GLN A 668 18.08 -14.74 -36.19
N TRP A 669 19.22 -14.86 -36.85
CA TRP A 669 20.42 -14.14 -36.43
C TRP A 669 20.29 -12.65 -36.78
N ALA A 670 19.85 -12.34 -37.99
CA ALA A 670 19.70 -10.94 -38.41
C ALA A 670 18.65 -10.16 -37.63
N THR A 671 17.48 -10.76 -37.39
CA THR A 671 16.40 -10.08 -36.66
C THR A 671 16.64 -9.99 -35.17
N LYS A 672 17.51 -10.85 -34.66
CA LYS A 672 17.85 -10.82 -33.24
C LYS A 672 18.85 -9.69 -33.01
N GLU A 673 19.76 -9.49 -33.95
CA GLU A 673 20.77 -8.43 -33.85
C GLU A 673 20.79 -7.47 -35.05
N GLY A 674 19.97 -6.42 -34.98
CA GLY A 674 19.91 -5.46 -36.06
C GLY A 674 21.23 -4.78 -36.37
N PRO A 675 21.41 -4.23 -37.59
CA PRO A 675 22.63 -3.57 -38.03
C PRO A 675 22.82 -2.12 -37.56
N ILE A 676 21.77 -1.50 -37.03
CA ILE A 676 21.93 -0.12 -36.56
C ILE A 676 22.83 -0.10 -35.33
N PHE A 677 22.53 -0.92 -34.33
CA PHE A 677 23.38 -0.99 -33.15
C PHE A 677 23.17 -2.23 -32.32
N GLY A 678 22.68 -3.28 -32.96
CA GLY A 678 22.48 -4.56 -32.28
C GLY A 678 21.17 -4.83 -31.57
N GLU A 679 20.18 -3.96 -31.71
CA GLU A 679 18.88 -4.20 -31.07
C GLU A 679 18.08 -5.10 -32.01
N GLU A 680 17.05 -5.73 -31.48
CA GLU A 680 16.23 -6.62 -32.30
C GLU A 680 15.43 -5.84 -33.34
N MET A 681 15.14 -6.49 -34.44
CA MET A 681 14.34 -5.87 -35.48
C MET A 681 12.88 -6.03 -35.09
N ARG A 682 12.03 -5.24 -35.74
CA ARG A 682 10.60 -5.31 -35.52
C ARG A 682 9.91 -4.71 -36.75
N SER A 683 8.82 -5.34 -37.19
CA SER A 683 8.04 -4.86 -38.32
C SER A 683 8.85 -4.84 -39.62
N VAL A 684 9.76 -5.80 -39.75
CA VAL A 684 10.58 -5.91 -40.95
C VAL A 684 10.19 -7.11 -41.81
N ARG A 685 9.88 -6.84 -43.07
CA ARG A 685 9.54 -7.91 -44.01
C ARG A 685 10.67 -7.99 -45.03
N VAL A 686 11.10 -9.21 -45.34
CA VAL A 686 12.18 -9.43 -46.29
C VAL A 686 11.68 -10.34 -47.41
N ASN A 687 11.80 -9.86 -48.66
CA ASN A 687 11.39 -10.64 -49.81
C ASN A 687 12.61 -11.15 -50.57
N ILE A 688 12.70 -12.47 -50.69
CA ILE A 688 13.82 -13.06 -51.42
C ILE A 688 13.43 -13.03 -52.89
N LEU A 689 14.12 -12.22 -53.67
CA LEU A 689 13.79 -12.08 -55.08
C LEU A 689 14.45 -13.14 -55.95
N ASP A 690 15.69 -13.51 -55.62
CA ASP A 690 16.38 -14.52 -56.40
C ASP A 690 17.64 -15.01 -55.70
N VAL A 691 18.00 -16.25 -55.99
CA VAL A 691 19.17 -16.88 -55.41
C VAL A 691 19.95 -17.65 -56.48
N THR A 692 21.26 -17.43 -56.54
CA THR A 692 22.10 -18.15 -57.49
C THR A 692 23.10 -18.97 -56.66
N LEU A 693 23.00 -20.29 -56.79
CA LEU A 693 23.84 -21.19 -56.03
C LEU A 693 24.83 -21.95 -56.88
N HIS A 694 25.84 -22.51 -56.24
CA HIS A 694 26.80 -23.34 -56.92
C HIS A 694 26.14 -24.70 -57.12
N ALA A 695 26.48 -25.38 -58.21
CA ALA A 695 25.90 -26.68 -58.50
C ALA A 695 26.17 -27.74 -57.43
N ASP A 696 27.36 -27.71 -56.85
CA ASP A 696 27.77 -28.69 -55.84
C ASP A 696 27.50 -28.22 -54.40
N ALA A 697 26.77 -29.03 -53.63
CA ALA A 697 26.38 -28.71 -52.25
C ALA A 697 27.54 -28.37 -51.36
N ILE A 698 28.73 -28.88 -51.67
CA ILE A 698 29.85 -28.49 -50.86
C ILE A 698 29.87 -26.98 -50.85
N HIS A 699 30.24 -26.28 -51.88
CA HIS A 699 30.02 -24.86 -51.54
C HIS A 699 28.54 -24.50 -51.77
N ARG A 700 27.82 -24.25 -50.67
CA ARG A 700 26.36 -23.95 -50.61
C ARG A 700 25.90 -24.25 -49.19
N GLY A 701 26.87 -24.80 -48.45
CA GLY A 701 26.71 -25.20 -47.05
C GLY A 701 26.39 -24.02 -46.17
N GLY A 702 25.70 -24.27 -45.07
CA GLY A 702 25.33 -23.22 -44.14
C GLY A 702 26.45 -22.22 -43.93
N GLY A 703 27.66 -22.73 -43.72
CA GLY A 703 28.80 -21.87 -43.50
C GLY A 703 29.01 -20.87 -44.62
N GLN A 704 28.33 -21.08 -45.74
CA GLN A 704 28.43 -20.18 -46.88
C GLN A 704 27.19 -19.33 -47.05
N ILE A 705 26.03 -19.96 -46.94
CA ILE A 705 24.76 -19.29 -47.13
C ILE A 705 24.22 -18.53 -45.93
N ILE A 706 24.53 -18.98 -44.71
CA ILE A 706 24.06 -18.27 -43.53
C ILE A 706 24.65 -16.85 -43.51
N PRO A 707 25.95 -16.70 -43.82
CA PRO A 707 26.55 -15.36 -43.81
C PRO A 707 25.96 -14.50 -44.94
N THR A 708 25.72 -15.13 -46.08
CA THR A 708 25.16 -14.47 -47.26
C THR A 708 23.79 -13.89 -46.94
N MET A 709 22.92 -14.72 -46.39
CA MET A 709 21.58 -14.29 -46.04
C MET A 709 21.57 -13.15 -45.00
N ARG A 710 22.43 -13.26 -44.00
CA ARG A 710 22.53 -12.25 -42.96
C ARG A 710 23.11 -10.96 -43.53
N ARG A 711 24.08 -11.11 -44.42
CA ARG A 711 24.71 -9.94 -45.02
C ARG A 711 23.70 -9.27 -45.96
N ALA A 712 22.98 -10.07 -46.72
CA ALA A 712 21.99 -9.49 -47.62
C ALA A 712 20.86 -8.82 -46.84
N THR A 713 20.42 -9.45 -45.75
CA THR A 713 19.33 -8.88 -44.98
C THR A 713 19.74 -7.53 -44.41
N TYR A 714 20.93 -7.47 -43.81
CA TYR A 714 21.40 -6.20 -43.28
C TYR A 714 21.41 -5.12 -44.38
N ALA A 715 21.83 -5.51 -45.58
CA ALA A 715 21.90 -4.60 -46.71
C ALA A 715 20.50 -4.14 -47.18
N GLY A 716 19.57 -5.08 -47.26
CA GLY A 716 18.23 -4.72 -47.68
C GLY A 716 17.62 -3.80 -46.62
N PHE A 717 17.94 -4.10 -45.37
CA PHE A 717 17.44 -3.33 -44.25
C PHE A 717 17.91 -1.87 -44.36
N LEU A 718 19.24 -1.70 -44.38
CA LEU A 718 19.82 -0.37 -44.50
C LEU A 718 19.38 0.40 -45.74
N LEU A 719 19.04 -0.32 -46.80
CA LEU A 719 18.57 0.30 -48.04
C LEU A 719 17.09 0.66 -47.98
N ALA A 720 16.43 0.35 -46.86
CA ALA A 720 15.00 0.61 -46.71
C ALA A 720 14.65 1.72 -45.73
N ASP A 721 15.47 2.77 -45.71
CA ASP A 721 15.24 3.92 -44.85
C ASP A 721 15.06 3.46 -43.40
N PRO A 722 16.15 3.02 -42.77
CA PRO A 722 16.23 2.52 -41.39
C PRO A 722 15.77 3.50 -40.33
N LYS A 723 15.09 2.96 -39.31
CA LYS A 723 14.58 3.75 -38.20
C LYS A 723 14.62 2.88 -36.95
N ILE A 724 14.64 3.52 -35.78
CA ILE A 724 14.60 2.76 -34.54
C ILE A 724 13.27 3.08 -33.87
N LEU A 730 -0.50 5.89 -22.04
CA LEU A 730 -1.35 5.23 -21.13
C LEU A 730 -0.97 5.50 -19.76
N VAL A 731 -1.28 6.68 -19.51
CA VAL A 731 -1.20 7.21 -18.26
C VAL A 731 -2.64 7.53 -17.93
N GLU A 732 -3.14 6.88 -16.89
CA GLU A 732 -4.49 7.06 -16.47
C GLU A 732 -4.53 7.95 -15.21
N ILE A 733 -5.23 9.08 -15.30
CA ILE A 733 -5.30 10.01 -14.18
C ILE A 733 -6.70 10.29 -13.63
N GLN A 734 -6.91 10.04 -12.34
CA GLN A 734 -8.19 10.29 -11.69
C GLN A 734 -8.10 11.62 -10.96
N CYS A 735 -9.10 12.48 -11.10
CA CYS A 735 -9.11 13.77 -10.43
C CYS A 735 -10.43 14.52 -10.62
N PRO A 736 -10.63 15.55 -9.81
CA PRO A 736 -11.83 16.46 -9.85
C PRO A 736 -11.87 17.26 -11.12
N GLU A 737 -13.06 17.68 -11.59
CA GLU A 737 -13.16 18.46 -12.82
C GLU A 737 -12.25 19.68 -12.85
N GLN A 738 -12.48 20.65 -11.98
CA GLN A 738 -11.70 21.88 -11.96
C GLN A 738 -10.17 21.65 -11.99
N ALA A 739 -9.73 20.43 -11.69
CA ALA A 739 -8.30 20.12 -11.67
C ALA A 739 -7.79 19.60 -13.01
N VAL A 740 -8.69 19.02 -13.79
CA VAL A 740 -8.34 18.47 -15.10
C VAL A 740 -7.49 19.41 -15.95
N GLY A 741 -7.74 20.72 -15.85
CA GLY A 741 -6.97 21.67 -16.64
C GLY A 741 -5.46 21.59 -16.44
N GLY A 742 -5.05 21.20 -15.24
CA GLY A 742 -3.63 21.11 -14.95
C GLY A 742 -3.02 19.94 -15.69
N ILE A 743 -3.80 18.88 -15.86
CA ILE A 743 -3.35 17.69 -16.56
C ILE A 743 -2.93 18.02 -17.98
N TYR A 744 -3.78 18.74 -18.70
CA TYR A 744 -3.47 19.11 -20.08
C TYR A 744 -2.26 20.04 -20.10
N SER A 745 -2.20 20.91 -19.10
CA SER A 745 -1.09 21.85 -19.01
C SER A 745 0.25 21.12 -18.92
N VAL A 746 0.35 20.14 -18.03
CA VAL A 746 1.59 19.38 -17.86
C VAL A 746 1.91 18.55 -19.10
N LEU A 747 0.94 17.76 -19.56
CA LEU A 747 1.11 16.90 -20.73
C LEU A 747 1.68 17.68 -21.92
N ASN A 748 1.12 18.85 -22.20
CA ASN A 748 1.59 19.65 -23.32
C ASN A 748 3.04 20.06 -23.16
N LYS A 749 3.51 20.13 -21.91
CA LYS A 749 4.88 20.50 -21.65
C LYS A 749 5.79 19.28 -21.78
N LYS A 750 5.20 18.11 -21.95
CA LYS A 750 6.00 16.88 -22.05
C LYS A 750 5.63 15.96 -23.22
N ARG A 751 5.52 16.55 -24.41
CA ARG A 751 5.19 15.81 -25.63
C ARG A 751 4.09 14.78 -25.38
N GLY A 752 3.20 15.10 -24.46
CA GLY A 752 2.10 14.20 -24.15
C GLY A 752 0.99 14.33 -25.17
N GLN A 753 -0.04 13.49 -25.02
CA GLN A 753 -1.17 13.47 -25.95
C GLN A 753 -2.37 12.84 -25.25
N VAL A 754 -3.47 13.58 -25.17
CA VAL A 754 -4.67 13.09 -24.51
C VAL A 754 -5.31 12.01 -25.37
N VAL A 755 -5.89 11.02 -24.69
CA VAL A 755 -6.53 9.90 -25.35
C VAL A 755 -8.02 9.81 -25.06
N SER A 756 -8.40 9.94 -23.79
CA SER A 756 -9.80 9.85 -23.43
C SER A 756 -10.15 10.56 -22.13
N GLU A 757 -11.31 11.23 -22.11
CA GLU A 757 -11.78 11.93 -20.94
C GLU A 757 -13.18 11.44 -20.57
N GLU A 758 -13.25 10.46 -19.67
CA GLU A 758 -14.53 9.91 -19.25
C GLU A 758 -14.92 10.33 -17.82
N GLN A 759 -15.90 9.65 -17.25
CA GLN A 759 -16.38 9.95 -15.90
C GLN A 759 -16.84 8.70 -15.17
N THR A 763 -21.41 9.37 -9.67
CA THR A 763 -20.85 10.60 -10.23
C THR A 763 -19.47 10.90 -9.63
N PRO A 764 -18.58 9.90 -9.53
CA PRO A 764 -17.24 10.13 -8.96
C PRO A 764 -16.43 11.25 -9.62
N LEU A 765 -15.13 10.99 -9.78
CA LEU A 765 -14.23 11.97 -10.38
C LEU A 765 -14.14 11.81 -11.89
N PHE A 766 -13.07 12.34 -12.46
CA PHE A 766 -12.81 12.24 -13.88
C PHE A 766 -11.64 11.29 -14.04
N THR A 767 -11.41 10.83 -15.26
CA THR A 767 -10.28 9.94 -15.52
C THR A 767 -9.77 10.31 -16.90
N VAL A 768 -8.61 10.94 -16.95
CA VAL A 768 -8.03 11.33 -18.22
C VAL A 768 -6.97 10.29 -18.60
N LYS A 769 -7.05 9.80 -19.82
CA LYS A 769 -6.08 8.82 -20.30
C LYS A 769 -5.24 9.50 -21.36
N ALA A 770 -3.94 9.27 -21.32
CA ALA A 770 -3.06 9.90 -22.28
C ALA A 770 -1.79 9.11 -22.48
N TYR A 771 -1.09 9.44 -23.56
CA TYR A 771 0.16 8.80 -23.87
C TYR A 771 1.23 9.75 -23.39
N LEU A 772 2.21 9.19 -22.68
CA LEU A 772 3.30 9.99 -22.15
C LEU A 772 4.62 9.27 -22.43
N PRO A 773 5.50 9.90 -23.23
CA PRO A 773 6.78 9.28 -23.53
C PRO A 773 7.48 8.91 -22.21
N VAL A 774 8.09 7.74 -22.14
CA VAL A 774 8.76 7.34 -20.90
C VAL A 774 9.90 8.29 -20.51
N ASN A 775 10.66 8.78 -21.49
CA ASN A 775 11.76 9.68 -21.15
C ASN A 775 11.28 11.08 -20.74
N GLU A 776 9.97 11.26 -20.62
CA GLU A 776 9.39 12.52 -20.19
C GLU A 776 8.63 12.31 -18.88
N SER A 777 8.81 11.15 -18.26
CA SER A 777 8.08 10.83 -17.05
C SER A 777 8.86 10.91 -15.74
N PHE A 778 10.09 11.38 -15.80
CA PHE A 778 10.87 11.47 -14.56
C PHE A 778 10.51 12.79 -13.90
N GLY A 779 9.85 12.69 -12.75
CA GLY A 779 9.44 13.87 -12.02
C GLY A 779 8.03 14.27 -12.38
N PHE A 780 7.43 13.55 -13.32
CA PHE A 780 6.07 13.84 -13.77
C PHE A 780 5.08 13.90 -12.61
N THR A 781 5.12 12.90 -11.75
CA THR A 781 4.23 12.83 -10.60
C THR A 781 4.29 14.12 -9.77
N GLY A 782 5.48 14.74 -9.73
CA GLY A 782 5.65 15.96 -8.99
C GLY A 782 5.02 17.16 -9.69
N GLU A 783 5.34 17.33 -10.97
CA GLU A 783 4.78 18.43 -11.75
C GLU A 783 3.27 18.35 -11.87
N LEU A 784 2.73 17.14 -11.75
CA LEU A 784 1.29 16.97 -11.86
C LEU A 784 0.57 17.44 -10.60
N ARG A 785 1.05 17.05 -9.42
CA ARG A 785 0.39 17.49 -8.19
C ARG A 785 0.50 19.00 -8.09
N GLN A 786 1.62 19.53 -8.56
CA GLN A 786 1.88 20.95 -8.53
C GLN A 786 0.93 21.71 -9.46
N ALA A 787 0.52 21.06 -10.55
CA ALA A 787 -0.36 21.70 -11.51
C ALA A 787 -1.82 21.42 -11.25
N THR A 788 -2.11 20.52 -10.32
CA THR A 788 -3.50 20.20 -10.01
C THR A 788 -3.79 20.43 -8.55
N GLY A 789 -2.89 21.13 -7.87
CA GLY A 789 -3.09 21.38 -6.45
C GLY A 789 -3.14 20.09 -5.66
N GLY A 790 -2.32 19.12 -6.06
CA GLY A 790 -2.26 17.84 -5.37
C GLY A 790 -3.53 17.02 -5.42
N GLN A 791 -4.35 17.26 -6.43
CA GLN A 791 -5.61 16.55 -6.57
C GLN A 791 -5.61 15.43 -7.60
N ALA A 792 -4.62 15.42 -8.50
CA ALA A 792 -4.54 14.39 -9.53
C ALA A 792 -3.68 13.19 -9.09
N PHE A 793 -4.13 12.00 -9.46
CA PHE A 793 -3.45 10.76 -9.13
C PHE A 793 -3.13 9.94 -10.38
N PRO A 794 -1.84 9.92 -10.79
CA PRO A 794 -1.39 9.19 -11.97
C PRO A 794 -1.19 7.68 -11.83
N GLN A 795 -1.19 7.02 -12.99
CA GLN A 795 -1.03 5.58 -13.11
C GLN A 795 -0.40 5.42 -14.48
N MET A 796 0.63 4.62 -14.60
CA MET A 796 1.28 4.46 -15.90
C MET A 796 1.70 3.02 -16.19
N VAL A 797 1.49 2.60 -17.44
CA VAL A 797 1.87 1.26 -17.88
C VAL A 797 2.44 1.40 -19.29
N PHE A 798 3.49 0.64 -19.62
CA PHE A 798 4.09 0.71 -20.94
C PHE A 798 3.04 0.33 -22.00
N ASP A 799 2.92 1.14 -23.04
CA ASP A 799 1.93 0.85 -24.05
C ASP A 799 2.45 0.45 -25.43
N HIS A 800 3.29 1.28 -26.02
CA HIS A 800 3.78 1.01 -27.35
C HIS A 800 5.09 1.74 -27.63
N TRP A 801 5.29 0.34 -29.10
CA TRP A 801 6.54 0.81 -29.68
C TRP A 801 6.21 1.97 -30.60
N SER A 802 7.06 2.99 -30.63
CA SER A 802 6.81 4.16 -31.48
C SER A 802 8.03 4.46 -32.32
N THR A 803 7.84 4.62 -33.63
CA THR A 803 8.95 4.89 -34.54
C THR A 803 9.43 6.33 -34.57
N LEU A 804 10.69 6.55 -34.20
CA LEU A 804 11.27 7.89 -34.21
C LEU A 804 11.57 8.23 -35.66
N GLY A 805 11.10 9.40 -36.11
CA GLY A 805 11.30 9.82 -37.47
C GLY A 805 12.70 10.24 -37.87
N SER A 806 13.52 10.62 -36.89
CA SER A 806 14.88 11.06 -37.18
C SER A 806 15.80 9.94 -37.65
N ASP A 807 16.87 10.34 -38.34
CA ASP A 807 17.86 9.42 -38.89
C ASP A 807 18.74 8.75 -37.83
N PRO A 808 18.67 7.41 -37.73
CA PRO A 808 19.46 6.67 -36.74
C PRO A 808 20.96 6.78 -37.03
N LEU A 809 21.30 7.04 -38.29
CA LEU A 809 22.71 7.16 -38.73
C LEU A 809 23.28 8.57 -38.64
N ASP A 810 22.48 9.52 -38.19
CA ASP A 810 22.94 10.89 -38.03
C ASP A 810 23.20 11.09 -36.53
N PRO A 811 24.47 11.04 -36.12
CA PRO A 811 24.87 11.20 -34.73
C PRO A 811 24.24 12.38 -33.97
N THR A 812 23.66 13.34 -34.71
CA THR A 812 23.09 14.51 -34.05
C THR A 812 21.57 14.58 -33.98
N SER A 813 20.88 13.63 -34.58
CA SER A 813 19.42 13.63 -34.51
C SER A 813 19.01 12.91 -33.23
N LYS A 814 17.74 13.00 -32.87
CA LYS A 814 17.26 12.36 -31.64
C LYS A 814 17.55 10.86 -31.63
N ALA A 815 17.21 10.17 -32.71
CA ALA A 815 17.44 8.75 -32.80
C ALA A 815 18.95 8.50 -32.82
N GLY A 816 19.66 9.28 -33.63
CA GLY A 816 21.11 9.14 -33.75
C GLY A 816 21.88 9.29 -32.46
N GLU A 817 21.43 10.18 -31.60
CA GLU A 817 22.10 10.40 -30.30
C GLU A 817 21.99 9.12 -29.50
N ILE A 818 20.79 8.54 -29.51
CA ILE A 818 20.53 7.30 -28.78
C ILE A 818 21.41 6.18 -29.33
N VAL A 819 21.55 6.13 -30.66
CA VAL A 819 22.37 5.12 -31.30
C VAL A 819 23.87 5.31 -31.02
N LEU A 820 24.31 6.57 -30.98
CA LEU A 820 25.71 6.86 -30.71
C LEU A 820 26.08 6.53 -29.26
N ALA A 821 25.15 6.80 -28.35
CA ALA A 821 25.37 6.51 -26.93
C ALA A 821 25.46 5.01 -26.68
N ALA A 822 24.59 4.23 -27.32
CA ALA A 822 24.60 2.78 -27.13
C ALA A 822 25.86 2.15 -27.74
N ARG A 823 26.27 2.67 -28.90
CA ARG A 823 27.46 2.16 -29.57
C ARG A 823 28.71 2.40 -28.73
N LYS A 824 28.84 3.60 -28.19
CA LYS A 824 30.01 3.89 -27.36
C LYS A 824 29.95 3.01 -26.11
N ARG A 825 28.78 2.92 -25.51
CA ARG A 825 28.59 2.12 -24.32
C ARG A 825 28.97 0.65 -24.53
N HIS A 826 28.87 0.16 -25.77
CA HIS A 826 29.19 -1.23 -26.08
C HIS A 826 30.56 -1.41 -26.72
N GLY A 827 31.32 -0.32 -26.83
CA GLY A 827 32.64 -0.42 -27.42
C GLY A 827 32.69 -0.70 -28.92
N MET A 828 31.66 -0.27 -29.63
CA MET A 828 31.61 -0.49 -31.08
C MET A 828 32.20 0.77 -31.70
N LYS A 829 32.44 0.75 -33.00
CA LYS A 829 32.97 1.95 -33.67
C LYS A 829 31.77 2.89 -33.72
N GLU A 830 32.02 4.19 -33.61
CA GLU A 830 30.92 5.14 -33.60
C GLU A 830 30.11 5.17 -34.89
N GLU A 831 30.76 5.31 -36.05
CA GLU A 831 30.05 5.34 -37.31
C GLU A 831 29.29 4.04 -37.51
N VAL A 832 28.04 4.14 -37.95
CA VAL A 832 27.22 2.96 -38.22
C VAL A 832 27.57 2.51 -39.63
N PRO A 833 27.99 1.25 -39.81
CA PRO A 833 28.30 0.85 -41.18
C PRO A 833 27.08 1.04 -42.06
N GLY A 834 27.30 1.64 -43.23
CA GLY A 834 26.21 1.89 -44.17
C GLY A 834 25.91 0.69 -45.03
N TRP A 835 24.80 0.75 -45.78
CA TRP A 835 24.41 -0.37 -46.62
C TRP A 835 25.48 -0.84 -47.60
N GLN A 836 26.26 0.09 -48.15
CA GLN A 836 27.30 -0.28 -49.09
C GLN A 836 28.24 -1.33 -48.50
N GLU A 837 28.36 -1.31 -47.17
CA GLU A 837 29.23 -2.25 -46.45
C GLU A 837 28.78 -3.71 -46.53
N TYR A 838 27.54 -3.94 -46.94
CA TYR A 838 27.00 -5.29 -47.01
C TYR A 838 26.56 -5.65 -48.43
N TYR A 839 26.76 -4.70 -49.34
CA TYR A 839 26.39 -4.88 -50.73
C TYR A 839 27.59 -5.35 -51.54
N ASP A 840 27.40 -6.44 -52.29
CA ASP A 840 28.47 -6.99 -53.11
C ASP A 840 28.09 -6.80 -54.57
N LYS A 841 28.64 -5.75 -55.16
CA LYS A 841 28.37 -5.42 -56.56
C LYS A 841 28.65 -6.62 -57.46
N LEU A 842 27.88 -6.74 -58.54
CA LEU A 842 28.07 -7.84 -59.50
C LEU A 842 29.29 -7.65 -60.38
N THR B 1 -2.53 1.57 31.93
CA THR B 1 -3.23 0.33 32.20
C THR B 1 -2.40 -0.62 33.04
N ALA B 2 -1.07 -0.51 32.95
CA ALA B 2 -0.20 -1.43 33.66
C ALA B 2 -0.19 -1.15 35.16
N ALA B 3 -0.62 0.03 35.56
CA ALA B 3 -0.90 0.33 36.96
C ALA B 3 -2.09 -0.45 37.49
N GLU B 4 -3.04 -0.76 36.62
CA GLU B 4 -4.21 -1.57 36.97
C GLU B 4 -4.02 -3.06 36.71
N ASN B 5 -3.24 -3.41 35.71
CA ASN B 5 -2.95 -4.79 35.45
C ASN B 5 -1.47 -5.04 35.29
N PRO B 6 -0.91 -5.85 36.18
CA PRO B 6 0.46 -6.34 36.12
C PRO B 6 0.79 -7.11 34.82
N ASN B 7 -0.24 -7.49 34.07
CA ASN B 7 -0.03 -8.35 32.90
C ASN B 7 0.09 -7.55 31.62
N VAL B 8 0.35 -6.26 31.77
CA VAL B 8 0.57 -5.41 30.63
C VAL B 8 2.04 -5.04 30.68
N GLU B 9 2.78 -5.38 29.65
CA GLU B 9 4.14 -4.87 29.49
C GLU B 9 4.07 -3.40 29.07
N VAL B 10 4.80 -2.51 29.75
CA VAL B 10 4.80 -1.12 29.36
C VAL B 10 5.81 -0.93 28.24
N LYS B 11 5.45 -0.11 27.27
CA LYS B 11 6.36 0.21 26.19
C LYS B 11 6.53 1.71 26.19
N ASP B 12 7.77 2.16 26.25
CA ASP B 12 8.05 3.59 26.33
C ASP B 12 8.20 4.10 24.90
N TYR B 13 8.22 5.41 24.74
CA TYR B 13 8.26 6.04 23.45
C TYR B 13 9.33 5.42 22.54
N GLY B 14 10.52 5.21 23.11
CA GLY B 14 11.67 4.80 22.30
C GLY B 14 11.69 3.31 22.00
N ASP B 15 10.76 2.59 22.62
CA ASP B 15 10.57 1.15 22.40
C ASP B 15 9.64 0.94 21.24
N ILE B 16 9.01 2.02 20.81
CA ILE B 16 8.02 1.94 19.76
C ILE B 16 8.59 2.47 18.44
N ASP B 17 9.17 3.65 18.46
CA ASP B 17 10.04 4.16 17.37
C ASP B 17 11.45 3.68 17.65
N LYS B 18 11.69 2.39 17.42
CA LYS B 18 12.95 1.78 17.82
C LYS B 18 13.84 1.51 16.62
N ALA B 19 13.31 1.67 15.41
CA ALA B 19 14.06 1.28 14.23
C ALA B 19 15.15 2.28 13.96
N PRO B 20 16.25 1.84 13.33
CA PRO B 20 17.31 2.80 13.06
C PRO B 20 16.89 3.92 12.11
N GLU B 21 16.01 3.62 11.15
CA GLU B 21 15.47 4.64 10.23
C GLU B 21 14.60 5.64 10.96
N GLU B 22 13.76 5.12 11.86
CA GLU B 22 12.83 5.96 12.58
C GLU B 22 13.60 6.95 13.40
N ARG B 23 14.68 6.48 14.02
CA ARG B 23 15.57 7.34 14.79
C ARG B 23 16.21 8.38 13.90
N ALA B 24 16.57 7.97 12.68
CA ALA B 24 17.24 8.85 11.74
C ALA B 24 16.34 9.95 11.18
N ARG B 25 15.08 9.63 10.96
CA ARG B 25 14.17 10.64 10.45
C ARG B 25 13.44 11.34 11.58
N GLY B 26 13.39 10.72 12.75
CA GLY B 26 12.66 11.27 13.88
C GLY B 26 11.14 11.16 13.73
N ILE B 27 10.70 10.14 13.01
CA ILE B 27 9.27 9.86 12.85
C ILE B 27 9.03 8.36 12.98
N THR B 28 7.76 7.98 13.01
CA THR B 28 7.36 6.58 12.86
C THR B 28 7.32 6.25 11.38
N ILE B 29 7.83 5.07 11.04
CA ILE B 29 7.82 4.63 9.67
C ILE B 29 7.07 3.30 9.60
N ASN B 30 7.32 2.47 10.61
CA ASN B 30 6.73 1.14 10.68
C ASN B 30 5.53 1.17 11.62
N THR B 31 4.54 0.33 11.35
CA THR B 31 3.46 0.15 12.32
C THR B 31 4.03 -0.64 13.49
N ALA B 32 3.68 -0.27 14.71
CA ALA B 32 4.09 -1.03 15.85
C ALA B 32 2.83 -1.59 16.45
N HIS B 33 2.91 -2.80 17.01
CA HIS B 33 1.80 -3.41 17.73
C HIS B 33 2.12 -3.46 19.20
N VAL B 34 1.23 -2.96 20.05
CA VAL B 34 1.37 -3.13 21.47
C VAL B 34 0.09 -3.68 22.04
N GLU B 35 0.13 -4.10 23.29
CA GLU B 35 -0.91 -4.89 23.91
C GLU B 35 -1.22 -4.19 25.23
#